data_4E42
#
_entry.id   4E42
#
_cell.length_a   168.070
_cell.length_b   75.365
_cell.length_c   130.859
_cell.angle_alpha   90.00
_cell.angle_beta   123.48
_cell.angle_gamma   90.00
#
_symmetry.space_group_name_H-M   'C 1 2 1'
#
loop_
_entity.id
_entity.type
_entity.pdbx_description
1 polymer 'T cell receptor G4 alpha chain'
2 polymer 'T cell receptor G4 beta chain'
3 non-polymer 'CHLORIDE ION'
4 non-polymer 'NITRATE ION'
5 non-polymer 'SODIUM ION'
6 water water
#
loop_
_entity_poly.entity_id
_entity_poly.type
_entity_poly.pdbx_seq_one_letter_code
_entity_poly.pdbx_strand_id
1 'polypeptide(L)'
;IQVEQSPPDLILQEGANSTLRCNFSDSVNNLQWFHQNPWGQLINLFYIPSGTKQNGRLSATTVATERYSLLYISSSQTTD
SGVYFCAVDRGSTLGRLYFGRGTQLTVWPDIQKPDPAVYQLRDSKSSDKSVCLFTDFDSQTNVSQSKDSDVYITDKCVLD
MRSMDFKSNSAVAWSNKSDFACANAFNNSIIPEDTFFPSPESS
;
A,C
2 'polypeptide(L)'
;GVTQSPTHLIKTRGQQATLRCSPISGHTSVYWYQQALGLGLQFLLWYDEGEERNRGNFPPRFSGRQFPNYSSELNVNALE
LEDSALYLCASSQIRETQYFGPGTRLLVLEDLKNVFPPEVAVFEPSEAEISHTQKATLVCLATGFYPDHVELSWWVNGKE
VHSGVCTDPQPLKEQPALNDSRYALSSRLRVSATFWQNPRNHFRCQVQFYGLSENDEWTQDRAKPVTQIVSAEAWGRAD
;
B,D
#
# COMPACT_ATOMS: atom_id res chain seq x y z
N ILE A 1 -16.65 4.15 3.37
CA ILE A 1 -17.10 4.37 4.77
C ILE A 1 -15.97 4.65 5.78
N GLN A 2 -16.05 5.81 6.44
CA GLN A 2 -15.10 6.25 7.46
C GLN A 2 -15.45 5.74 8.87
N VAL A 3 -14.43 5.42 9.66
CA VAL A 3 -14.59 4.88 11.00
C VAL A 3 -13.64 5.61 11.96
N GLU A 4 -14.17 6.55 12.75
CA GLU A 4 -13.34 7.27 13.73
C GLU A 4 -13.55 6.73 15.14
N GLN A 5 -12.48 6.67 15.92
CA GLN A 5 -12.51 6.15 17.27
C GLN A 5 -11.98 7.18 18.25
N SER A 6 -12.57 7.27 19.43
CA SER A 6 -12.15 8.23 20.40
C SER A 6 -12.07 7.65 21.78
N PRO A 7 -11.05 8.02 22.68
CA PRO A 7 -9.96 8.82 22.12
C PRO A 7 -8.85 8.03 21.45
N PRO A 8 -7.77 8.65 21.05
CA PRO A 8 -6.73 7.80 20.42
C PRO A 8 -5.93 7.10 21.51
N ASP A 9 -5.81 7.74 22.66
CA ASP A 9 -5.04 7.24 23.80
C ASP A 9 -5.80 7.49 25.11
N LEU A 10 -5.62 6.58 26.07
CA LEU A 10 -6.33 6.63 27.32
C LEU A 10 -5.43 6.05 28.41
N ILE A 11 -4.92 6.89 29.30
CA ILE A 11 -4.22 6.43 30.49
C ILE A 11 -5.24 6.48 31.63
N LEU A 12 -5.31 5.42 32.42
CA LEU A 12 -6.24 5.36 33.54
C LEU A 12 -5.53 4.76 34.72
N GLN A 13 -6.06 5.02 35.90
CA GLN A 13 -5.67 4.31 37.08
C GLN A 13 -6.70 3.22 37.28
N GLU A 14 -6.25 2.02 37.65
CA GLU A 14 -7.16 0.89 37.88
C GLU A 14 -8.26 1.31 38.86
N GLY A 15 -9.49 0.86 38.61
CA GLY A 15 -10.65 1.31 39.38
C GLY A 15 -11.51 2.25 38.58
N ALA A 16 -10.88 3.15 37.81
CA ALA A 16 -11.58 4.12 36.96
C ALA A 16 -12.43 3.47 35.88
N ASN A 17 -13.57 4.10 35.58
CA ASN A 17 -14.37 3.73 34.43
C ASN A 17 -13.90 4.52 33.24
N SER A 18 -14.06 3.95 32.05
CA SER A 18 -13.89 4.73 30.84
C SER A 18 -14.70 4.23 29.65
N THR A 19 -14.85 5.14 28.69
CA THR A 19 -15.70 4.94 27.54
C THR A 19 -14.88 5.18 26.27
N LEU A 20 -14.98 4.23 25.36
CA LEU A 20 -14.36 4.37 24.07
C LEU A 20 -15.51 4.62 23.10
N ARG A 21 -15.33 5.57 22.19
CA ARG A 21 -16.38 5.87 21.23
C ARG A 21 -15.97 5.42 19.84
N CYS A 22 -16.97 5.09 19.04
CA CYS A 22 -16.71 4.72 17.69
C CYS A 22 -17.79 5.31 16.82
N ASN A 23 -17.40 6.26 15.96
CA ASN A 23 -18.29 6.91 14.98
C ASN A 23 -18.11 6.34 13.59
N PHE A 24 -19.19 6.27 12.81
CA PHE A 24 -19.11 5.75 11.45
C PHE A 24 -20.00 6.48 10.45
N SER A 25 -19.41 6.82 9.31
CA SER A 25 -20.01 7.73 8.32
C SER A 25 -21.22 7.17 7.56
N ASP A 26 -21.69 5.99 7.92
CA ASP A 26 -22.83 5.40 7.20
C ASP A 26 -23.59 4.30 7.97
N SER A 27 -24.78 3.96 7.50
CA SER A 27 -25.50 2.83 8.09
C SER A 27 -24.74 1.49 7.94
N VAL A 28 -24.81 0.65 8.97
CA VAL A 28 -24.07 -0.61 8.96
C VAL A 28 -24.93 -1.80 9.34
N ASN A 29 -24.65 -2.94 8.74
CA ASN A 29 -25.29 -4.18 9.19
C ASN A 29 -24.58 -4.89 10.34
N ASN A 30 -23.26 -4.74 10.43
CA ASN A 30 -22.49 -5.34 11.51
C ASN A 30 -21.55 -4.34 12.13
N LEU A 31 -21.35 -4.47 13.43
CA LEU A 31 -20.34 -3.72 14.11
C LEU A 31 -19.73 -4.66 15.11
N GLN A 32 -18.40 -4.66 15.18
CA GLN A 32 -17.72 -5.46 16.20
C GLN A 32 -16.69 -4.63 16.95
N TRP A 33 -16.48 -4.97 18.22
CA TRP A 33 -15.34 -4.47 18.99
C TRP A 33 -14.34 -5.58 19.22
N PHE A 34 -13.06 -5.22 19.16
CA PHE A 34 -12.00 -6.19 19.42
C PHE A 34 -11.00 -5.63 20.40
N HIS A 35 -10.25 -6.54 21.00
CA HIS A 35 -9.06 -6.23 21.74
C HIS A 35 -7.91 -6.98 21.07
N GLN A 36 -6.78 -6.32 20.87
CA GLN A 36 -5.61 -7.00 20.34
C GLN A 36 -4.60 -7.35 21.46
N ASN A 37 -4.21 -8.62 21.52
CA ASN A 37 -3.24 -9.08 22.53
C ASN A 37 -1.81 -8.76 22.10
N PRO A 38 -0.85 -8.82 23.05
CA PRO A 38 0.54 -8.43 22.72
C PRO A 38 1.11 -9.13 21.48
N TRP A 39 0.85 -10.43 21.34
CA TRP A 39 1.37 -11.15 20.15
C TRP A 39 0.51 -11.09 18.88
N GLY A 40 -0.49 -10.20 18.81
CA GLY A 40 -1.23 -9.97 17.55
C GLY A 40 -2.66 -10.48 17.40
N GLN A 41 -3.11 -11.29 18.37
CA GLN A 41 -4.45 -11.90 18.30
C GLN A 41 -5.59 -10.91 18.65
N LEU A 42 -6.53 -10.77 17.71
CA LEU A 42 -7.74 -10.03 17.96
C LEU A 42 -8.71 -10.92 18.71
N ILE A 43 -9.18 -10.44 19.84
CA ILE A 43 -10.15 -11.14 20.64
C ILE A 43 -11.47 -10.44 20.39
N ASN A 44 -12.52 -11.20 20.05
CA ASN A 44 -13.86 -10.63 19.93
C ASN A 44 -14.47 -10.24 21.27
N LEU A 45 -14.73 -8.96 21.44
CA LEU A 45 -15.44 -8.50 22.62
C LEU A 45 -16.97 -8.51 22.45
N PHE A 46 -17.49 -8.01 21.32
CA PHE A 46 -18.93 -7.87 21.11
C PHE A 46 -19.25 -7.82 19.64
N TYR A 47 -20.38 -8.40 19.25
CA TYR A 47 -21.04 -8.10 18.00
C TYR A 47 -22.33 -7.30 18.37
N ILE A 48 -22.45 -6.06 17.92
CA ILE A 48 -23.59 -5.21 18.30
C ILE A 48 -23.88 -4.21 17.20
N PRO A 49 -24.67 -4.60 16.20
CA PRO A 49 -25.09 -3.56 15.26
C PRO A 49 -26.09 -2.58 15.87
N SER A 50 -26.78 -2.98 16.95
CA SER A 50 -27.75 -2.14 17.64
C SER A 50 -28.08 -2.68 19.02
N GLY A 51 -28.20 -1.79 20.00
CA GLY A 51 -28.65 -2.16 21.31
C GLY A 51 -27.54 -2.22 22.33
N THR A 52 -27.70 -3.12 23.28
CA THR A 52 -26.76 -3.21 24.39
C THR A 52 -26.40 -4.66 24.65
N LYS A 53 -25.13 -4.88 25.00
CA LYS A 53 -24.64 -6.16 25.46
C LYS A 53 -23.77 -5.89 26.66
N GLN A 54 -23.71 -6.87 27.56
CA GLN A 54 -22.90 -6.85 28.78
C GLN A 54 -22.17 -8.18 28.86
N ASN A 55 -20.90 -8.11 29.26
CA ASN A 55 -20.11 -9.31 29.52
C ASN A 55 -19.03 -8.96 30.55
N GLY A 56 -19.26 -9.36 31.79
CA GLY A 56 -18.37 -9.00 32.86
C GLY A 56 -18.44 -7.49 33.03
N ARG A 57 -17.26 -6.89 33.17
CA ARG A 57 -17.10 -5.45 33.37
C ARG A 57 -17.17 -4.63 32.07
N LEU A 58 -17.28 -5.29 30.92
CA LEU A 58 -17.44 -4.57 29.66
C LEU A 58 -18.89 -4.45 29.20
N SER A 59 -19.23 -3.32 28.60
CA SER A 59 -20.53 -3.09 27.98
C SER A 59 -20.39 -2.41 26.64
N ALA A 60 -21.37 -2.61 25.78
CA ALA A 60 -21.38 -1.95 24.51
C ALA A 60 -22.78 -1.47 24.21
N THR A 61 -22.89 -0.30 23.56
CA THR A 61 -24.19 0.21 23.15
C THR A 61 -24.04 0.82 21.79
N THR A 62 -24.89 0.40 20.86
CA THR A 62 -24.81 0.92 19.51
C THR A 62 -26.09 1.62 19.13
N VAL A 63 -26.01 2.95 19.06
CA VAL A 63 -27.12 3.77 18.64
C VAL A 63 -27.03 3.86 17.10
N ALA A 64 -27.63 2.87 16.43
CA ALA A 64 -27.53 2.73 14.97
C ALA A 64 -28.09 3.92 14.20
N THR A 65 -29.18 4.51 14.67
CA THR A 65 -29.75 5.67 13.96
C THR A 65 -28.77 6.86 13.98
N GLU A 66 -27.94 6.94 15.01
CA GLU A 66 -26.99 8.04 15.10
C GLU A 66 -25.55 7.62 14.77
N ARG A 67 -25.42 6.45 14.15
CA ARG A 67 -24.15 5.95 13.63
C ARG A 67 -22.98 6.04 14.64
N TYR A 68 -23.22 5.61 15.88
CA TYR A 68 -22.12 5.41 16.82
C TYR A 68 -22.38 4.29 17.83
N SER A 69 -21.30 3.90 18.50
CA SER A 69 -21.26 2.83 19.46
C SER A 69 -20.35 3.21 20.63
N LEU A 70 -20.77 2.87 21.86
CA LEU A 70 -19.89 3.04 23.01
C LEU A 70 -19.38 1.70 23.54
N LEU A 71 -18.10 1.66 23.84
CA LEU A 71 -17.57 0.54 24.60
C LEU A 71 -17.24 1.05 25.99
N TYR A 72 -17.92 0.50 26.97
CA TYR A 72 -17.78 0.97 28.31
C TYR A 72 -17.03 -0.04 29.17
N ILE A 73 -15.93 0.36 29.79
CA ILE A 73 -15.19 -0.53 30.67
C ILE A 73 -15.30 -0.11 32.14
N SER A 74 -15.91 -0.98 32.93
CA SER A 74 -16.15 -0.69 34.33
C SER A 74 -14.98 -1.21 35.22
N SER A 75 -14.48 -0.33 36.08
CA SER A 75 -13.30 -0.62 36.94
C SER A 75 -12.16 -1.28 36.18
N SER A 76 -11.48 -0.47 35.39
CA SER A 76 -10.40 -0.94 34.60
C SER A 76 -9.40 -1.67 35.47
N GLN A 77 -8.91 -2.78 34.92
CA GLN A 77 -7.86 -3.56 35.54
C GLN A 77 -6.61 -3.37 34.67
N THR A 78 -5.44 -3.61 35.25
CA THR A 78 -4.19 -3.47 34.50
C THR A 78 -4.27 -4.38 33.28
N THR A 79 -4.90 -5.53 33.46
CA THR A 79 -5.08 -6.51 32.39
C THR A 79 -5.97 -6.04 31.24
N ASP A 80 -6.58 -4.85 31.36
CA ASP A 80 -7.39 -4.29 30.26
C ASP A 80 -6.53 -3.56 29.24
N SER A 81 -5.26 -3.28 29.58
CA SER A 81 -4.39 -2.50 28.69
C SER A 81 -4.22 -3.13 27.29
N GLY A 82 -4.04 -2.30 26.28
CA GLY A 82 -3.89 -2.82 24.92
C GLY A 82 -4.62 -1.95 23.94
N VAL A 83 -4.86 -2.46 22.74
CA VAL A 83 -5.50 -1.67 21.70
C VAL A 83 -6.89 -2.22 21.43
N TYR A 84 -7.88 -1.33 21.34
CA TYR A 84 -9.27 -1.70 21.10
C TYR A 84 -9.71 -1.20 19.76
N PHE A 85 -10.28 -2.09 18.96
CA PHE A 85 -10.67 -1.68 17.62
C PHE A 85 -12.15 -1.80 17.51
N CYS A 86 -12.67 -0.99 16.62
CA CYS A 86 -14.07 -0.91 16.29
C CYS A 86 -14.11 -1.20 14.79
N ALA A 87 -15.01 -2.09 14.36
CA ALA A 87 -15.09 -2.34 12.92
C ALA A 87 -16.53 -2.51 12.50
N VAL A 88 -16.85 -2.03 11.31
CA VAL A 88 -18.24 -2.06 10.83
C VAL A 88 -18.26 -2.68 9.45
N ASP A 89 -19.46 -2.90 8.90
CA ASP A 89 -19.58 -3.64 7.66
C ASP A 89 -20.85 -3.23 6.92
N GLY A 95 -18.63 -7.83 2.30
CA GLY A 95 -18.47 -8.63 3.52
C GLY A 95 -17.31 -8.19 4.42
N ARG A 96 -16.33 -7.48 3.84
CA ARG A 96 -15.17 -6.99 4.57
C ARG A 96 -15.58 -6.10 5.72
N LEU A 97 -14.75 -6.05 6.76
CA LEU A 97 -14.88 -5.06 7.80
C LEU A 97 -14.02 -3.83 7.49
N TYR A 98 -14.47 -2.67 7.93
CA TYR A 98 -13.70 -1.45 7.85
C TYR A 98 -13.32 -1.15 9.28
N PHE A 99 -12.02 -1.12 9.56
CA PHE A 99 -11.54 -0.91 10.94
C PHE A 99 -11.25 0.55 11.21
N GLY A 100 -11.47 0.98 12.44
CA GLY A 100 -10.96 2.27 12.89
C GLY A 100 -9.51 2.10 13.26
N ARG A 101 -8.84 3.19 13.60
CA ARG A 101 -7.42 3.11 13.93
C ARG A 101 -7.15 2.66 15.37
N GLY A 102 -8.21 2.42 16.15
CA GLY A 102 -8.05 1.88 17.51
C GLY A 102 -7.86 2.89 18.63
N THR A 103 -8.20 2.49 19.85
CA THR A 103 -7.87 3.27 21.04
C THR A 103 -6.83 2.47 21.79
N GLN A 104 -5.74 3.10 22.18
CA GLN A 104 -4.76 2.44 23.01
C GLN A 104 -5.04 2.72 24.47
N LEU A 105 -5.32 1.66 25.23
CA LEU A 105 -5.63 1.80 26.63
C LEU A 105 -4.46 1.34 27.50
N THR A 106 -4.06 2.17 28.45
CA THR A 106 -3.06 1.82 29.47
C THR A 106 -3.62 2.00 30.88
N VAL A 107 -3.63 0.92 31.66
CA VAL A 107 -4.19 0.96 32.99
C VAL A 107 -3.10 0.68 34.03
N TRP A 108 -2.78 1.68 34.86
CA TRP A 108 -1.76 1.53 35.89
C TRP A 108 -2.32 1.19 37.28
N PRO A 109 -1.51 0.52 38.12
CA PRO A 109 -2.00 0.12 39.43
C PRO A 109 -2.13 1.30 40.39
N ASP A 110 -2.96 1.14 41.42
CA ASP A 110 -3.01 2.11 42.51
C ASP A 110 -2.03 1.68 43.58
N ILE A 111 -0.84 2.27 43.54
CA ILE A 111 0.16 1.95 44.56
C ILE A 111 0.02 2.89 45.74
N GLN A 112 -0.74 2.44 46.75
CA GLN A 112 -0.88 3.18 48.00
C GLN A 112 0.32 2.97 48.95
N LYS A 113 0.89 1.78 48.94
CA LYS A 113 2.07 1.46 49.76
C LYS A 113 3.42 1.53 49.00
N PRO A 114 3.76 2.67 48.34
CA PRO A 114 5.04 2.66 47.59
C PRO A 114 6.25 2.38 48.45
N ASP A 115 7.29 1.85 47.82
CA ASP A 115 8.50 1.37 48.49
C ASP A 115 9.68 1.40 47.53
N PRO A 116 9.94 2.55 46.90
CA PRO A 116 10.95 2.64 45.84
C PRO A 116 12.29 2.07 46.28
N ALA A 117 12.95 1.36 45.36
CA ALA A 117 14.22 0.71 45.62
C ALA A 117 14.93 0.34 44.32
N VAL A 118 16.25 0.32 44.36
CA VAL A 118 17.05 -0.16 43.24
C VAL A 118 17.90 -1.34 43.70
N TYR A 119 17.73 -2.50 43.10
CA TYR A 119 18.51 -3.67 43.50
C TYR A 119 19.50 -4.12 42.44
N GLN A 120 20.55 -4.79 42.90
CA GLN A 120 21.47 -5.48 42.03
C GLN A 120 21.13 -6.96 41.99
N LEU A 121 21.08 -7.52 40.78
CA LEU A 121 20.77 -8.92 40.57
C LEU A 121 21.95 -9.61 39.87
N ARG A 122 22.11 -10.91 40.10
CA ARG A 122 23.25 -11.67 39.57
C ARG A 122 22.86 -12.91 38.76
N ASP A 123 23.81 -13.43 37.97
CA ASP A 123 23.67 -14.70 37.21
C ASP A 123 22.95 -14.49 35.87
N SER A 130 24.82 -7.52 37.86
CA SER A 130 25.08 -7.04 36.49
C SER A 130 23.82 -6.34 35.90
N VAL A 131 22.66 -6.84 36.30
CA VAL A 131 21.39 -6.20 36.03
C VAL A 131 20.96 -5.36 37.23
N CYS A 132 20.39 -4.18 36.99
CA CYS A 132 19.79 -3.36 38.07
C CYS A 132 18.29 -3.27 37.97
N LEU A 133 17.60 -3.60 39.05
CA LEU A 133 16.14 -3.48 39.10
C LEU A 133 15.62 -2.32 39.98
N PHE A 134 14.91 -1.40 39.34
CA PHE A 134 14.16 -0.34 40.00
C PHE A 134 12.71 -0.80 40.19
N THR A 135 12.24 -0.86 41.43
CA THR A 135 10.94 -1.47 41.70
C THR A 135 10.14 -0.80 42.82
N ASP A 136 8.82 -1.03 42.78
CA ASP A 136 7.87 -0.69 43.86
C ASP A 136 7.62 0.80 44.03
N PHE A 137 7.92 1.55 42.97
CA PHE A 137 7.51 2.94 42.86
C PHE A 137 6.04 3.05 42.42
N ASP A 138 5.46 4.23 42.59
CA ASP A 138 4.11 4.46 42.10
C ASP A 138 4.08 4.71 40.60
N SER A 139 2.88 4.77 40.06
CA SER A 139 2.65 4.83 38.63
C SER A 139 2.91 6.20 38.04
N GLN A 140 2.93 7.22 38.88
CA GLN A 140 3.24 8.58 38.42
C GLN A 140 4.72 8.74 38.06
N THR A 141 5.58 7.89 38.62
CA THR A 141 7.01 7.95 38.28
C THR A 141 7.21 7.62 36.80
N ASN A 142 8.04 8.43 36.13
CA ASN A 142 8.43 8.16 34.75
C ASN A 142 9.89 7.70 34.69
N VAL A 143 10.14 6.61 33.99
CA VAL A 143 11.50 6.13 33.89
C VAL A 143 12.03 6.55 32.54
N SER A 144 13.07 7.38 32.55
CA SER A 144 13.69 7.86 31.33
C SER A 144 14.71 6.87 30.78
N GLN A 145 14.89 6.89 29.46
CA GLN A 145 15.94 6.13 28.81
C GLN A 145 17.30 6.74 29.17
N SER A 146 18.38 6.04 28.83
CA SER A 146 19.72 6.57 29.00
C SER A 146 20.11 7.32 27.73
N LYS A 147 20.84 8.41 27.89
CA LYS A 147 21.40 9.16 26.76
C LYS A 147 22.57 8.39 26.13
N ASP A 148 23.17 7.50 26.94
CA ASP A 148 24.31 6.67 26.56
C ASP A 148 23.83 5.39 25.87
N SER A 149 24.31 5.17 24.65
CA SER A 149 23.86 4.04 23.84
C SER A 149 24.40 2.67 24.28
N ASP A 150 25.29 2.64 25.26
CA ASP A 150 25.79 1.38 25.79
C ASP A 150 25.22 1.10 27.18
N VAL A 151 24.27 1.93 27.60
CA VAL A 151 23.45 1.67 28.79
C VAL A 151 22.00 1.45 28.35
N TYR A 152 21.38 0.41 28.89
CA TYR A 152 20.04 -0.01 28.49
C TYR A 152 19.04 0.13 29.61
N ILE A 153 17.97 0.88 29.39
CA ILE A 153 16.92 1.03 30.39
C ILE A 153 15.54 0.79 29.79
N THR A 154 14.83 -0.18 30.33
CA THR A 154 13.49 -0.50 29.85
C THR A 154 12.51 0.45 30.52
N ASP A 155 11.37 0.69 29.87
CA ASP A 155 10.26 1.42 30.49
C ASP A 155 9.68 0.63 31.66
N LYS A 156 8.93 1.30 32.52
CA LYS A 156 8.28 0.60 33.62
C LYS A 156 7.22 -0.36 33.09
N CYS A 157 7.05 -1.48 33.80
CA CYS A 157 5.85 -2.25 33.57
C CYS A 157 5.26 -2.83 34.86
N VAL A 158 3.97 -3.17 34.81
CA VAL A 158 3.29 -3.63 36.02
C VAL A 158 3.01 -5.14 36.04
N LEU A 159 3.46 -5.79 37.11
CA LEU A 159 3.13 -7.18 37.34
C LEU A 159 2.10 -7.33 38.45
N ASP A 160 1.33 -8.40 38.37
CA ASP A 160 0.26 -8.67 39.30
C ASP A 160 0.52 -10.03 39.95
N MET A 161 0.96 -10.01 41.19
CA MET A 161 0.98 -11.24 41.97
C MET A 161 -0.44 -11.55 42.41
N ARG A 162 -1.17 -12.25 41.54
CA ARG A 162 -2.60 -12.48 41.69
C ARG A 162 -2.99 -12.98 43.07
N SER A 163 -2.31 -14.04 43.55
CA SER A 163 -2.73 -14.74 44.78
C SER A 163 -2.55 -13.89 46.03
N MET A 164 -1.76 -12.83 45.93
CA MET A 164 -1.53 -11.95 47.06
C MET A 164 -2.19 -10.58 46.90
N ASP A 165 -3.07 -10.43 45.91
CA ASP A 165 -3.66 -9.11 45.61
C ASP A 165 -2.61 -8.00 45.69
N PHE A 166 -1.54 -8.14 44.91
CA PHE A 166 -0.42 -7.24 44.99
C PHE A 166 0.04 -6.91 43.59
N LYS A 167 0.21 -5.61 43.34
CA LYS A 167 0.69 -5.16 42.05
C LYS A 167 1.93 -4.31 42.25
N SER A 168 2.86 -4.34 41.30
CA SER A 168 4.07 -3.54 41.43
C SER A 168 4.67 -3.18 40.08
N ASN A 169 5.26 -1.99 40.05
CA ASN A 169 5.91 -1.45 38.86
C ASN A 169 7.39 -1.71 38.94
N SER A 170 8.04 -1.85 37.78
CA SER A 170 9.49 -2.02 37.74
C SER A 170 10.07 -1.64 36.39
N ALA A 171 11.34 -1.28 36.41
CA ALA A 171 12.15 -1.11 35.20
C ALA A 171 13.52 -1.68 35.49
N VAL A 172 14.26 -1.97 34.43
CA VAL A 172 15.51 -2.70 34.51
C VAL A 172 16.54 -1.90 33.73
N ALA A 173 17.75 -1.83 34.27
CA ALA A 173 18.88 -1.24 33.57
C ALA A 173 20.06 -2.21 33.57
N TRP A 174 20.81 -2.21 32.47
CA TRP A 174 22.03 -3.01 32.41
C TRP A 174 23.07 -2.41 31.45
N SER A 175 24.32 -2.84 31.60
CA SER A 175 25.42 -2.27 30.84
C SER A 175 26.71 -3.05 31.00
N ASN A 176 27.52 -3.02 29.95
CA ASN A 176 28.90 -3.49 30.03
C ASN A 176 29.94 -2.35 30.10
N LYS A 177 29.51 -1.16 30.53
CA LYS A 177 30.43 -0.08 30.89
C LYS A 177 30.88 -0.32 32.32
N SER A 178 32.20 -0.24 32.56
CA SER A 178 32.78 -0.39 33.89
C SER A 178 32.25 0.67 34.85
N ASP A 179 32.17 1.90 34.34
CA ASP A 179 31.62 3.07 35.04
C ASP A 179 30.29 2.74 35.71
N PHE A 180 29.46 1.99 34.99
CA PHE A 180 28.07 1.69 35.37
C PHE A 180 27.90 0.89 36.67
N ALA A 181 26.99 1.35 37.51
CA ALA A 181 26.60 0.63 38.73
C ALA A 181 25.17 1.01 39.11
N CYS A 182 24.57 0.20 39.98
CA CYS A 182 23.17 0.40 40.35
C CYS A 182 22.87 1.77 40.98
N ALA A 183 23.84 2.34 41.69
CA ALA A 183 23.66 3.63 42.37
C ALA A 183 23.48 4.81 41.41
N ASN A 184 24.08 4.70 40.24
CA ASN A 184 24.07 5.78 39.26
C ASN A 184 23.18 5.43 38.09
N ALA A 185 22.57 4.24 38.14
CA ALA A 185 21.94 3.65 36.96
C ALA A 185 20.71 4.41 36.43
N PHE A 186 19.86 4.89 37.33
CA PHE A 186 18.64 5.57 36.91
C PHE A 186 18.72 7.09 37.07
N ASN A 187 19.95 7.61 36.94
CA ASN A 187 20.25 9.03 37.12
C ASN A 187 19.54 9.96 36.14
N ASN A 188 19.34 9.51 34.90
CA ASN A 188 18.61 10.31 33.91
C ASN A 188 17.11 10.40 34.21
N SER A 189 16.67 9.78 35.31
CA SER A 189 15.25 9.74 35.69
C SER A 189 15.00 10.54 36.96
N ILE A 190 13.76 10.98 37.15
CA ILE A 190 13.36 11.63 38.42
C ILE A 190 12.91 10.57 39.44
N ILE A 191 13.87 10.14 40.25
CA ILE A 191 13.71 9.07 41.21
C ILE A 191 13.00 9.65 42.43
N PRO A 192 12.23 8.84 43.18
CA PRO A 192 11.74 9.38 44.45
C PRO A 192 12.90 9.58 45.42
N GLU A 193 12.78 10.54 46.33
CA GLU A 193 13.88 10.87 47.25
C GLU A 193 14.25 9.70 48.16
N ASP A 194 13.21 9.12 48.76
CA ASP A 194 13.33 8.08 49.79
C ASP A 194 13.71 6.68 49.27
N THR A 195 14.11 6.61 47.99
CA THR A 195 14.49 5.36 47.32
C THR A 195 15.57 4.57 48.08
N PHE A 196 15.23 3.33 48.42
CA PHE A 196 16.13 2.46 49.17
C PHE A 196 17.26 1.90 48.30
N PHE A 197 18.51 2.27 48.63
CA PHE A 197 19.70 1.72 47.99
C PHE A 197 20.41 0.79 48.98
N PRO A 198 20.31 -0.53 48.76
CA PRO A 198 20.72 -1.57 49.72
C PRO A 198 22.19 -1.50 50.14
N VAL B 2 -9.87 -21.04 14.53
CA VAL B 2 -9.14 -20.41 13.36
C VAL B 2 -7.63 -20.49 13.49
N THR B 3 -7.02 -20.94 12.40
CA THR B 3 -5.65 -21.37 12.44
C THR B 3 -4.86 -20.77 11.26
N GLN B 4 -3.64 -20.35 11.55
CA GLN B 4 -2.75 -19.80 10.52
C GLN B 4 -1.34 -20.38 10.67
N SER B 5 -0.70 -20.69 9.57
CA SER B 5 0.67 -21.12 9.54
C SER B 5 1.27 -20.51 8.33
N PRO B 6 2.63 -20.17 8.28
CA PRO B 6 3.38 -20.26 9.54
C PRO B 6 3.16 -19.12 10.52
N THR B 7 3.64 -19.20 11.75
CA THR B 7 3.47 -18.09 12.70
C THR B 7 4.20 -16.87 12.11
N HIS B 8 5.40 -17.13 11.59
CA HIS B 8 6.34 -16.08 11.22
C HIS B 8 7.17 -16.60 10.05
N LEU B 9 7.58 -15.68 9.19
CA LEU B 9 8.22 -16.03 7.93
C LEU B 9 9.16 -14.89 7.52
N ILE B 10 10.45 -15.19 7.42
CA ILE B 10 11.43 -14.25 6.86
C ILE B 10 11.69 -14.63 5.41
N LYS B 11 11.65 -13.64 4.51
CA LYS B 11 11.99 -13.85 3.09
C LYS B 11 12.85 -12.74 2.55
N THR B 12 13.08 -12.75 1.25
CA THR B 12 14.03 -11.85 0.60
C THR B 12 13.38 -11.20 -0.61
N ARG B 13 13.78 -9.97 -0.96
CA ARG B 13 13.15 -9.28 -2.10
C ARG B 13 13.08 -10.23 -3.29
N GLY B 14 11.94 -10.24 -3.97
CA GLY B 14 11.77 -11.05 -5.15
C GLY B 14 11.27 -12.44 -4.88
N GLN B 15 11.39 -12.94 -3.66
CA GLN B 15 10.91 -14.31 -3.36
C GLN B 15 9.37 -14.40 -3.31
N GLN B 16 8.87 -15.56 -2.92
CA GLN B 16 7.44 -15.82 -2.83
C GLN B 16 7.04 -16.24 -1.41
N ALA B 17 5.92 -15.73 -0.90
CA ALA B 17 5.45 -16.07 0.46
C ALA B 17 4.13 -16.80 0.40
N THR B 18 4.04 -17.91 1.12
CA THR B 18 2.79 -18.66 1.16
C THR B 18 2.22 -18.57 2.55
N LEU B 19 0.99 -18.06 2.64
CA LEU B 19 0.28 -17.90 3.91
C LEU B 19 -0.91 -18.84 3.96
N ARG B 20 -1.04 -19.60 5.03
CA ARG B 20 -2.10 -20.61 5.10
C ARG B 20 -3.09 -20.34 6.21
N CYS B 21 -4.35 -20.66 5.94
CA CYS B 21 -5.38 -20.44 6.90
C CYS B 21 -6.45 -21.50 6.84
N SER B 22 -6.89 -21.91 8.01
CA SER B 22 -8.04 -22.80 8.14
C SER B 22 -9.10 -22.18 9.05
N PRO B 23 -10.28 -21.87 8.49
CA PRO B 23 -11.37 -21.22 9.22
C PRO B 23 -12.02 -22.16 10.25
N ILE B 24 -12.94 -21.61 11.05
CA ILE B 24 -13.74 -22.36 12.01
C ILE B 24 -14.64 -23.29 11.24
N SER B 25 -14.76 -24.54 11.69
CA SER B 25 -15.57 -25.56 11.01
C SER B 25 -16.99 -25.04 10.78
N GLY B 26 -17.44 -25.09 9.54
CA GLY B 26 -18.78 -24.60 9.20
C GLY B 26 -18.71 -23.29 8.45
N HIS B 27 -17.70 -22.47 8.77
CA HIS B 27 -17.59 -21.16 8.14
C HIS B 27 -17.15 -21.36 6.72
N THR B 28 -17.67 -20.53 5.82
CA THR B 28 -17.49 -20.70 4.39
C THR B 28 -16.81 -19.50 3.80
N SER B 29 -16.81 -18.42 4.59
CA SER B 29 -16.17 -17.16 4.23
C SER B 29 -14.80 -17.06 4.89
N VAL B 30 -13.80 -16.63 4.12
CA VAL B 30 -12.50 -16.31 4.67
C VAL B 30 -12.07 -14.91 4.26
N TYR B 31 -11.59 -14.15 5.22
CA TYR B 31 -11.13 -12.79 4.96
C TYR B 31 -9.68 -12.68 5.32
N TRP B 32 -8.96 -11.96 4.47
CA TRP B 32 -7.57 -11.67 4.71
C TRP B 32 -7.37 -10.15 4.91
N TYR B 33 -6.53 -9.78 5.86
CA TYR B 33 -6.24 -8.39 6.15
C TYR B 33 -4.76 -8.21 6.38
N GLN B 34 -4.26 -7.03 6.03
CA GLN B 34 -2.87 -6.71 6.27
C GLN B 34 -2.79 -5.63 7.35
N GLN B 35 -2.00 -5.91 8.40
CA GLN B 35 -1.77 -4.95 9.44
C GLN B 35 -0.32 -4.50 9.43
N ALA B 36 -0.08 -3.36 8.77
CA ALA B 36 1.25 -2.79 8.65
C ALA B 36 1.43 -1.66 9.66
N LEU B 37 2.50 -1.78 10.44
CA LEU B 37 2.85 -0.80 11.48
C LEU B 37 2.64 0.60 10.89
N GLY B 38 1.74 1.37 11.51
CA GLY B 38 1.47 2.75 11.08
C GLY B 38 0.30 2.98 10.12
N LEU B 39 -0.31 1.90 9.61
CA LEU B 39 -1.45 2.03 8.69
C LEU B 39 -2.72 1.35 9.21
N GLY B 40 -2.60 0.59 10.30
CA GLY B 40 -3.72 -0.22 10.80
C GLY B 40 -4.13 -1.34 9.85
N LEU B 41 -5.41 -1.71 9.88
CA LEU B 41 -5.84 -2.87 9.13
C LEU B 41 -6.33 -2.53 7.75
N GLN B 42 -5.71 -3.11 6.75
CA GLN B 42 -6.14 -2.89 5.38
C GLN B 42 -6.74 -4.20 4.83
N PHE B 43 -7.91 -4.11 4.21
CA PHE B 43 -8.54 -5.30 3.65
C PHE B 43 -7.85 -5.72 2.37
N LEU B 44 -7.61 -7.03 2.24
CA LEU B 44 -6.89 -7.64 1.11
C LEU B 44 -7.83 -8.47 0.24
N LEU B 45 -8.37 -9.55 0.79
CA LEU B 45 -9.13 -10.48 -0.02
C LEU B 45 -10.24 -11.13 0.81
N TRP B 46 -11.32 -11.48 0.11
CA TRP B 46 -12.41 -12.27 0.68
C TRP B 46 -12.72 -13.45 -0.24
N TYR B 47 -12.87 -14.63 0.37
CA TYR B 47 -13.27 -15.84 -0.34
C TYR B 47 -14.54 -16.39 0.26
N ASP B 48 -15.50 -16.72 -0.60
CA ASP B 48 -16.64 -17.53 -0.15
C ASP B 48 -16.84 -18.72 -1.09
N GLU B 49 -17.22 -19.86 -0.51
CA GLU B 49 -17.59 -21.05 -1.27
C GLU B 49 -16.62 -21.41 -2.43
N GLY B 50 -15.31 -21.21 -2.23
CA GLY B 50 -14.35 -21.52 -3.27
C GLY B 50 -13.84 -20.37 -4.15
N GLU B 51 -14.51 -19.21 -4.13
CA GLU B 51 -14.22 -18.13 -5.09
C GLU B 51 -13.79 -16.76 -4.49
N GLU B 52 -13.05 -15.98 -5.28
CA GLU B 52 -12.63 -14.63 -4.88
C GLU B 52 -13.70 -13.57 -5.11
N ARG B 53 -14.27 -13.06 -4.03
CA ARG B 53 -15.37 -12.11 -4.13
C ARG B 53 -14.99 -10.62 -4.11
N ASN B 54 -13.81 -10.29 -3.57
CA ASN B 54 -13.42 -8.89 -3.41
C ASN B 54 -11.90 -8.74 -3.25
N ARG B 55 -11.37 -7.55 -3.56
CA ARG B 55 -9.95 -7.25 -3.37
C ARG B 55 -9.79 -5.84 -2.84
N GLY B 56 -8.93 -5.67 -1.85
CA GLY B 56 -8.48 -4.34 -1.45
C GLY B 56 -7.59 -3.76 -2.55
N ASN B 57 -6.96 -2.64 -2.27
CA ASN B 57 -6.09 -2.01 -3.25
C ASN B 57 -4.76 -2.75 -3.36
N PHE B 58 -4.82 -3.98 -3.88
CA PHE B 58 -3.63 -4.84 -4.02
C PHE B 58 -3.38 -5.37 -5.43
N PRO B 59 -2.12 -5.30 -5.90
CA PRO B 59 -1.74 -5.71 -7.24
C PRO B 59 -1.79 -7.23 -7.39
N PRO B 60 -1.85 -7.74 -8.63
CA PRO B 60 -2.13 -9.16 -8.85
C PRO B 60 -1.06 -10.12 -8.33
N ARG B 61 0.12 -9.59 -7.98
CA ARG B 61 1.16 -10.42 -7.34
C ARG B 61 0.73 -10.90 -5.96
N PHE B 62 -0.31 -10.26 -5.40
CA PHE B 62 -0.97 -10.76 -4.23
C PHE B 62 -2.07 -11.68 -4.74
N SER B 63 -1.85 -12.98 -4.59
CA SER B 63 -2.79 -13.95 -5.12
C SER B 63 -3.22 -14.91 -4.02
N GLY B 64 -4.32 -15.62 -4.26
CA GLY B 64 -4.75 -16.69 -3.37
C GLY B 64 -5.85 -17.57 -3.92
N ARG B 65 -6.48 -18.33 -3.01
CA ARG B 65 -7.56 -19.24 -3.36
C ARG B 65 -8.18 -19.85 -2.12
N GLN B 66 -9.37 -20.43 -2.29
CA GLN B 66 -10.06 -21.14 -1.23
C GLN B 66 -10.39 -22.55 -1.69
N PHE B 67 -10.12 -23.51 -0.83
CA PHE B 67 -10.32 -24.92 -1.16
C PHE B 67 -11.75 -25.33 -0.80
N PRO B 68 -12.27 -26.37 -1.44
CA PRO B 68 -13.62 -26.88 -1.18
C PRO B 68 -14.00 -27.01 0.28
N ASN B 69 -13.03 -27.19 1.17
CA ASN B 69 -13.31 -27.31 2.61
C ASN B 69 -13.23 -25.96 3.30
N TYR B 70 -13.15 -24.91 2.48
CA TYR B 70 -13.14 -23.51 2.93
C TYR B 70 -11.78 -23.02 3.49
N SER B 71 -10.81 -23.94 3.61
CA SER B 71 -9.46 -23.53 3.93
C SER B 71 -8.90 -22.66 2.82
N SER B 72 -7.97 -21.77 3.17
CA SER B 72 -7.49 -20.76 2.22
C SER B 72 -5.99 -20.51 2.33
N GLU B 73 -5.39 -20.16 1.21
CA GLU B 73 -4.01 -19.70 1.19
C GLU B 73 -3.86 -18.46 0.34
N LEU B 74 -2.87 -17.66 0.72
CA LEU B 74 -2.55 -16.43 0.05
C LEU B 74 -1.11 -16.58 -0.42
N ASN B 75 -0.86 -16.25 -1.68
CA ASN B 75 0.50 -16.32 -2.23
C ASN B 75 0.94 -14.95 -2.68
N VAL B 76 2.00 -14.43 -2.07
CA VAL B 76 2.48 -13.10 -2.41
C VAL B 76 3.78 -13.29 -3.19
N ASN B 77 3.78 -12.87 -4.46
CA ASN B 77 4.92 -13.04 -5.37
C ASN B 77 5.73 -11.77 -5.51
N ALA B 78 6.94 -11.91 -6.06
CA ALA B 78 7.81 -10.75 -6.26
C ALA B 78 7.80 -9.86 -5.01
N LEU B 79 8.19 -10.44 -3.88
CA LEU B 79 8.09 -9.77 -2.59
C LEU B 79 8.93 -8.49 -2.52
N GLU B 80 8.37 -7.48 -1.88
CA GLU B 80 9.04 -6.20 -1.72
C GLU B 80 9.18 -5.90 -0.23
N LEU B 81 10.09 -5.01 0.13
CA LEU B 81 10.30 -4.67 1.54
C LEU B 81 9.01 -4.26 2.25
N GLU B 82 8.16 -3.48 1.56
CA GLU B 82 6.96 -2.93 2.15
C GLU B 82 5.80 -3.92 2.12
N ASP B 83 6.12 -5.21 1.97
CA ASP B 83 5.15 -6.28 2.15
C ASP B 83 5.20 -6.81 3.60
N SER B 84 6.28 -6.50 4.31
CA SER B 84 6.41 -6.82 5.74
C SER B 84 5.20 -6.31 6.54
N ALA B 85 4.50 -7.22 7.23
CA ALA B 85 3.26 -6.88 7.92
C ALA B 85 2.74 -8.10 8.65
N LEU B 86 1.77 -7.91 9.55
CA LEU B 86 1.05 -9.04 10.11
C LEU B 86 -0.17 -9.32 9.21
N TYR B 87 -0.23 -10.53 8.65
CA TYR B 87 -1.33 -10.90 7.77
C TYR B 87 -2.29 -11.69 8.58
N LEU B 88 -3.55 -11.30 8.53
CA LEU B 88 -4.54 -11.85 9.42
C LEU B 88 -5.63 -12.49 8.65
N CYS B 89 -6.06 -13.63 9.15
CA CYS B 89 -7.11 -14.40 8.54
C CYS B 89 -8.30 -14.37 9.47
N ALA B 90 -9.49 -14.21 8.90
CA ALA B 90 -10.72 -14.30 9.68
C ALA B 90 -11.74 -15.19 9.00
N SER B 91 -12.66 -15.79 9.76
CA SER B 91 -13.75 -16.54 9.12
C SER B 91 -15.18 -16.18 9.56
N SER B 92 -16.13 -16.52 8.70
CA SER B 92 -17.54 -16.05 8.69
C SER B 92 -17.76 -14.63 9.15
N GLU B 96 -22.08 -12.27 8.81
CA GLU B 96 -22.16 -12.01 10.24
C GLU B 96 -20.81 -11.83 11.00
N THR B 97 -20.66 -12.43 12.18
CA THR B 97 -19.48 -12.22 13.06
C THR B 97 -18.17 -12.83 12.51
N GLN B 98 -17.10 -12.01 12.46
CA GLN B 98 -15.81 -12.45 11.95
C GLN B 98 -14.91 -12.81 13.10
N TYR B 99 -14.21 -13.94 13.00
CA TYR B 99 -13.31 -14.42 14.06
C TYR B 99 -11.90 -14.53 13.52
N PHE B 100 -10.94 -14.02 14.27
CA PHE B 100 -9.58 -13.91 13.72
C PHE B 100 -8.64 -15.05 14.12
N GLY B 101 -7.80 -15.47 13.17
CA GLY B 101 -6.63 -16.30 13.47
C GLY B 101 -5.54 -15.50 14.15
N PRO B 102 -4.44 -16.17 14.56
CA PRO B 102 -3.33 -15.47 15.23
C PRO B 102 -2.41 -14.68 14.28
N GLY B 103 -2.60 -14.88 12.97
CA GLY B 103 -1.86 -14.13 11.95
C GLY B 103 -0.50 -14.72 11.61
N THR B 104 -0.01 -14.41 10.40
CA THR B 104 1.33 -14.77 9.98
C THR B 104 2.13 -13.47 9.84
N ARG B 105 3.16 -13.30 10.65
CA ARG B 105 4.03 -12.13 10.49
C ARG B 105 5.09 -12.36 9.40
N LEU B 106 5.04 -11.58 8.33
CA LEU B 106 6.02 -11.63 7.25
C LEU B 106 7.09 -10.53 7.33
N LEU B 107 8.35 -10.91 7.28
CA LEU B 107 9.45 -9.96 7.17
C LEU B 107 10.18 -10.19 5.85
N VAL B 108 10.27 -9.13 5.05
CA VAL B 108 11.00 -9.23 3.79
C VAL B 108 12.26 -8.38 3.91
N LEU B 109 13.43 -9.00 3.70
CA LEU B 109 14.70 -8.32 3.92
C LEU B 109 15.51 -8.23 2.65
N GLU B 110 16.44 -7.28 2.62
CA GLU B 110 17.39 -7.20 1.52
C GLU B 110 18.31 -8.40 1.51
N ASP B 111 18.79 -8.78 2.70
CA ASP B 111 19.44 -10.10 2.89
C ASP B 111 19.35 -10.70 4.31
N LEU B 112 19.74 -11.96 4.45
CA LEU B 112 19.59 -12.69 5.70
C LEU B 112 20.74 -12.46 6.66
N LYS B 113 21.74 -11.71 6.21
CA LYS B 113 22.99 -11.54 6.94
C LYS B 113 22.78 -11.04 8.37
N ASN B 114 21.69 -10.32 8.63
CA ASN B 114 21.48 -9.74 9.95
C ASN B 114 20.53 -10.51 10.91
N VAL B 115 20.17 -11.75 10.60
CA VAL B 115 19.31 -12.53 11.47
C VAL B 115 20.10 -13.26 12.55
N PHE B 116 19.95 -12.88 13.82
CA PHE B 116 20.65 -13.55 14.93
C PHE B 116 19.65 -14.01 15.97
N PRO B 117 19.79 -15.24 16.48
CA PRO B 117 18.89 -15.68 17.55
C PRO B 117 19.26 -14.95 18.83
N PRO B 118 18.37 -14.96 19.84
CA PRO B 118 18.74 -14.27 21.06
C PRO B 118 19.70 -15.07 21.92
N GLU B 119 20.44 -14.36 22.76
CA GLU B 119 21.03 -14.96 23.95
C GLU B 119 20.14 -14.60 25.13
N VAL B 120 19.87 -15.60 25.98
CA VAL B 120 18.91 -15.48 27.05
C VAL B 120 19.61 -15.77 28.36
N ALA B 121 19.41 -14.90 29.35
CA ALA B 121 19.99 -15.09 30.68
C ALA B 121 18.94 -14.81 31.75
N VAL B 122 19.03 -15.50 32.88
CA VAL B 122 18.16 -15.26 34.01
C VAL B 122 18.97 -14.76 35.18
N PHE B 123 18.49 -13.70 35.81
CA PHE B 123 19.18 -13.06 36.93
C PHE B 123 18.39 -13.23 38.21
N GLU B 124 19.06 -13.79 39.22
CA GLU B 124 18.41 -14.20 40.44
C GLU B 124 18.12 -13.03 41.36
N PRO B 125 17.13 -13.19 42.27
CA PRO B 125 16.70 -12.16 43.18
C PRO B 125 17.82 -11.65 44.08
N SER B 126 17.85 -10.33 44.25
CA SER B 126 18.68 -9.66 45.25
C SER B 126 18.29 -10.13 46.64
N GLU B 127 19.30 -10.44 47.46
CA GLU B 127 19.03 -10.78 48.86
C GLU B 127 18.45 -9.63 49.65
N ALA B 128 18.84 -8.40 49.28
CA ALA B 128 18.27 -7.20 49.85
C ALA B 128 16.75 -7.13 49.62
N GLU B 129 16.33 -7.33 48.37
CA GLU B 129 14.90 -7.31 48.07
C GLU B 129 14.14 -8.28 48.98
N ILE B 130 14.69 -9.48 49.15
CA ILE B 130 14.07 -10.52 49.97
C ILE B 130 13.89 -10.08 51.42
N SER B 131 14.94 -9.49 52.00
CA SER B 131 14.87 -8.92 53.33
C SER B 131 13.82 -7.80 53.42
N HIS B 132 13.95 -6.83 52.53
CA HIS B 132 13.17 -5.60 52.56
C HIS B 132 11.68 -5.78 52.27
N THR B 133 11.30 -6.83 51.52
CA THR B 133 9.94 -6.89 50.95
C THR B 133 9.22 -8.22 51.14
N GLN B 134 9.97 -9.24 51.54
CA GLN B 134 9.48 -10.64 51.61
C GLN B 134 9.12 -11.17 50.22
N LYS B 135 9.70 -10.56 49.19
CA LYS B 135 9.40 -10.92 47.82
C LYS B 135 10.67 -11.03 46.99
N ALA B 136 10.63 -11.86 45.95
CA ALA B 136 11.78 -12.13 45.12
C ALA B 136 11.46 -11.90 43.65
N THR B 137 12.28 -11.11 42.98
CA THR B 137 12.10 -10.85 41.57
C THR B 137 13.22 -11.48 40.77
N LEU B 138 12.86 -12.34 39.82
CA LEU B 138 13.77 -12.84 38.82
C LEU B 138 13.65 -11.98 37.58
N VAL B 139 14.78 -11.66 36.96
CA VAL B 139 14.77 -10.91 35.72
C VAL B 139 15.27 -11.80 34.60
N CYS B 140 14.64 -11.70 33.44
CA CYS B 140 15.10 -12.37 32.24
C CYS B 140 15.56 -11.35 31.20
N LEU B 141 16.69 -11.62 30.54
CA LEU B 141 17.18 -10.77 29.46
C LEU B 141 17.36 -11.57 28.20
N ALA B 142 16.76 -11.10 27.12
CA ALA B 142 17.01 -11.65 25.82
C ALA B 142 17.74 -10.56 25.03
N THR B 143 18.94 -10.88 24.54
CA THR B 143 19.78 -9.89 23.91
C THR B 143 20.31 -10.34 22.56
N GLY B 144 20.63 -9.36 21.72
CA GLY B 144 21.33 -9.58 20.47
C GLY B 144 20.52 -10.21 19.34
N PHE B 145 19.22 -10.12 19.40
CA PHE B 145 18.37 -10.76 18.43
C PHE B 145 17.79 -9.83 17.39
N TYR B 146 17.56 -10.39 16.23
CA TYR B 146 16.91 -9.72 15.15
C TYR B 146 16.42 -10.80 14.24
N PRO B 147 15.16 -10.80 13.87
CA PRO B 147 14.22 -9.71 14.09
C PRO B 147 13.46 -9.77 15.39
N ASP B 148 12.50 -8.87 15.57
CA ASP B 148 11.80 -8.79 16.84
C ASP B 148 10.55 -9.69 16.84
N HIS B 149 9.56 -9.27 17.62
CA HIS B 149 8.29 -9.95 17.77
C HIS B 149 8.53 -11.38 18.22
N VAL B 150 9.41 -11.56 19.19
CA VAL B 150 9.67 -12.87 19.79
C VAL B 150 8.56 -13.17 20.80
N GLU B 151 8.56 -14.38 21.36
CA GLU B 151 7.58 -14.73 22.36
C GLU B 151 8.34 -15.21 23.54
N LEU B 152 8.28 -14.43 24.61
CA LEU B 152 8.94 -14.74 25.88
C LEU B 152 7.88 -15.12 26.87
N SER B 153 8.06 -16.27 27.50
CA SER B 153 7.14 -16.76 28.52
C SER B 153 7.93 -17.33 29.68
N TRP B 154 7.34 -17.32 30.88
CA TRP B 154 7.99 -17.87 32.06
C TRP B 154 7.38 -19.22 32.39
N TRP B 155 8.20 -20.08 32.99
CA TRP B 155 7.81 -21.44 33.32
C TRP B 155 8.35 -21.76 34.70
N VAL B 156 7.50 -22.31 35.56
CA VAL B 156 7.88 -22.69 36.91
C VAL B 156 7.37 -24.10 37.19
N ASN B 157 8.29 -25.01 37.52
CA ASN B 157 7.95 -26.39 37.81
C ASN B 157 7.19 -27.03 36.66
N GLY B 158 7.69 -26.82 35.44
CA GLY B 158 7.08 -27.41 34.27
C GLY B 158 5.82 -26.76 33.71
N LYS B 159 5.24 -25.78 34.40
CA LYS B 159 4.04 -25.12 33.90
C LYS B 159 4.27 -23.66 33.58
N GLU B 160 3.61 -23.18 32.54
CA GLU B 160 3.70 -21.79 32.14
C GLU B 160 2.94 -20.94 33.15
N VAL B 161 3.55 -19.88 33.63
CA VAL B 161 2.90 -18.99 34.58
C VAL B 161 2.59 -17.64 33.96
N HIS B 162 1.52 -17.03 34.46
CA HIS B 162 1.11 -15.71 33.99
C HIS B 162 1.06 -14.71 35.16
N SER B 163 0.66 -15.19 36.32
CA SER B 163 0.71 -14.40 37.54
C SER B 163 2.15 -13.98 37.88
N GLY B 164 2.32 -12.76 38.36
CA GLY B 164 3.63 -12.25 38.76
C GLY B 164 4.60 -11.89 37.64
N VAL B 165 4.12 -11.92 36.39
CA VAL B 165 4.96 -11.68 35.22
C VAL B 165 4.75 -10.31 34.60
N CYS B 166 5.81 -9.73 34.05
CA CYS B 166 5.70 -8.52 33.27
C CYS B 166 6.79 -8.45 32.22
N THR B 167 6.38 -8.37 30.95
CA THR B 167 7.33 -8.30 29.85
C THR B 167 7.17 -7.01 29.06
N ASP B 168 8.31 -6.37 28.77
CA ASP B 168 8.37 -5.13 28.01
C ASP B 168 7.40 -5.14 26.80
N PRO B 169 6.66 -4.03 26.61
CA PRO B 169 5.76 -3.92 25.47
C PRO B 169 6.50 -3.91 24.14
N GLN B 170 7.65 -3.24 24.06
CA GLN B 170 8.51 -3.28 22.87
C GLN B 170 9.94 -3.65 23.24
N PRO B 171 10.73 -4.11 22.24
CA PRO B 171 12.15 -4.27 22.53
C PRO B 171 12.85 -2.92 22.46
N LEU B 172 14.06 -2.82 23.00
CA LEU B 172 14.88 -1.66 22.72
C LEU B 172 16.00 -1.99 21.72
N LYS B 173 16.49 -0.97 21.03
CA LYS B 173 17.58 -1.11 20.06
C LYS B 173 18.95 -1.15 20.74
N GLU B 174 19.81 -2.03 20.25
CA GLU B 174 21.13 -2.21 20.87
C GLU B 174 22.15 -1.16 20.44
N GLN B 175 22.06 -0.76 19.17
CA GLN B 175 22.65 0.49 18.67
C GLN B 175 21.50 1.26 18.01
N PRO B 176 20.89 2.21 18.72
CA PRO B 176 19.76 2.98 18.15
C PRO B 176 20.03 3.70 16.82
N ALA B 177 21.28 3.61 16.32
CA ALA B 177 21.64 4.07 14.98
C ALA B 177 22.64 3.12 14.32
N SER B 181 19.75 -3.02 13.20
CA SER B 181 20.14 -3.01 14.62
C SER B 181 19.44 -4.07 15.45
N ARG B 182 20.23 -4.94 16.07
CA ARG B 182 19.72 -6.05 16.84
C ARG B 182 19.00 -5.57 18.10
N TYR B 183 18.14 -6.42 18.68
CA TYR B 183 17.25 -6.02 19.78
C TYR B 183 17.57 -6.65 21.13
N ALA B 184 16.95 -6.12 22.17
CA ALA B 184 17.02 -6.69 23.52
C ALA B 184 15.63 -6.63 24.17
N LEU B 185 15.36 -7.57 25.07
CA LEU B 185 14.06 -7.66 25.71
C LEU B 185 14.20 -8.13 27.15
N SER B 186 13.36 -7.58 28.02
CA SER B 186 13.39 -7.99 29.41
C SER B 186 12.02 -8.37 29.92
N SER B 187 12.02 -9.19 30.98
CA SER B 187 10.82 -9.62 31.65
C SER B 187 11.18 -9.87 33.11
N ARG B 188 10.18 -9.78 33.99
CA ARG B 188 10.34 -9.99 35.44
C ARG B 188 9.34 -11.03 35.90
N LEU B 189 9.75 -11.88 36.83
CA LEU B 189 8.84 -12.76 37.56
C LEU B 189 9.03 -12.52 39.05
N ARG B 190 7.92 -12.24 39.75
CA ARG B 190 7.97 -12.09 41.21
C ARG B 190 7.21 -13.17 41.90
N VAL B 191 7.88 -13.74 42.88
CA VAL B 191 7.31 -14.77 43.72
C VAL B 191 7.53 -14.35 45.19
N SER B 192 6.83 -14.99 46.10
CA SER B 192 7.05 -14.73 47.50
C SER B 192 8.47 -15.25 47.83
N ALA B 193 9.09 -14.68 48.86
CA ALA B 193 10.46 -15.08 49.21
C ALA B 193 10.48 -16.54 49.66
N THR B 194 9.44 -16.96 50.34
CA THR B 194 9.25 -18.36 50.68
C THR B 194 9.34 -19.25 49.44
N PHE B 195 8.71 -18.82 48.34
CA PHE B 195 8.70 -19.60 47.11
C PHE B 195 10.11 -19.72 46.53
N TRP B 196 10.85 -18.61 46.55
CA TRP B 196 12.22 -18.60 46.06
C TRP B 196 13.15 -19.43 46.92
N GLN B 197 12.87 -19.47 48.22
CA GLN B 197 13.69 -20.20 49.19
C GLN B 197 13.47 -21.72 49.20
N ASN B 198 12.51 -22.19 48.41
CA ASN B 198 12.29 -23.61 48.33
C ASN B 198 13.23 -24.26 47.29
N PRO B 199 14.15 -25.13 47.75
CA PRO B 199 15.14 -25.70 46.83
C PRO B 199 14.52 -26.54 45.71
N ARG B 200 13.28 -27.01 45.93
CA ARG B 200 12.55 -27.82 44.96
C ARG B 200 12.15 -27.04 43.72
N ASN B 201 12.12 -25.72 43.83
CA ASN B 201 11.50 -24.89 42.80
C ASN B 201 12.40 -24.57 41.62
N HIS B 202 11.84 -24.70 40.42
CA HIS B 202 12.58 -24.53 39.19
C HIS B 202 11.94 -23.49 38.27
N PHE B 203 12.74 -22.49 37.87
CA PHE B 203 12.25 -21.36 37.07
C PHE B 203 12.99 -21.31 35.74
N ARG B 204 12.24 -21.08 34.66
CA ARG B 204 12.78 -20.99 33.32
C ARG B 204 12.20 -19.80 32.54
N CYS B 205 13.10 -19.02 31.95
CA CYS B 205 12.69 -17.99 31.03
C CYS B 205 12.88 -18.52 29.62
N GLN B 206 11.79 -18.57 28.85
CA GLN B 206 11.77 -19.17 27.51
C GLN B 206 11.45 -18.14 26.43
N VAL B 207 12.31 -18.04 25.42
CA VAL B 207 12.12 -17.09 24.32
C VAL B 207 11.99 -17.87 23.03
N GLN B 208 10.82 -17.79 22.40
CA GLN B 208 10.62 -18.31 21.05
C GLN B 208 11.14 -17.30 20.04
N PHE B 209 12.20 -17.65 19.32
CA PHE B 209 12.69 -16.79 18.27
C PHE B 209 12.26 -17.29 16.90
N TYR B 210 11.88 -16.35 16.03
CA TYR B 210 11.48 -16.68 14.67
C TYR B 210 12.58 -16.25 13.71
N GLY B 211 13.14 -17.21 12.99
CA GLY B 211 14.28 -16.97 12.12
C GLY B 211 14.12 -17.68 10.79
N LEU B 212 15.17 -18.36 10.36
CA LEU B 212 15.20 -19.04 9.07
C LEU B 212 14.59 -20.43 9.13
N SER B 213 14.26 -20.99 7.96
CA SER B 213 13.71 -22.35 7.83
C SER B 213 14.56 -23.16 6.84
N GLU B 214 14.17 -24.42 6.54
CA GLU B 214 14.99 -25.26 5.60
C GLU B 214 15.16 -24.53 4.26
N ASN B 215 14.02 -24.21 3.63
CA ASN B 215 13.92 -23.31 2.47
C ASN B 215 15.02 -22.27 2.23
N ASP B 216 15.48 -21.62 3.30
CA ASP B 216 16.39 -20.49 3.18
C ASP B 216 17.82 -20.96 3.02
N GLU B 217 18.59 -20.16 2.27
CA GLU B 217 20.01 -20.43 2.08
C GLU B 217 20.88 -19.61 3.01
N TRP B 218 21.76 -20.32 3.69
CA TRP B 218 22.75 -19.76 4.60
C TRP B 218 24.14 -20.12 4.09
N THR B 219 25.03 -19.13 3.99
CA THR B 219 26.41 -19.39 3.65
C THR B 219 27.28 -19.19 4.89
N GLN B 220 27.27 -17.96 5.42
CA GLN B 220 28.11 -17.50 6.55
C GLN B 220 28.56 -18.56 7.56
N ASP B 221 29.65 -18.27 8.24
CA ASP B 221 30.35 -19.24 9.08
C ASP B 221 29.59 -19.69 10.33
N ARG B 222 28.99 -18.74 11.04
CA ARG B 222 28.20 -19.04 12.25
C ARG B 222 26.98 -19.89 11.94
N ALA B 223 26.37 -20.46 12.97
CA ALA B 223 25.19 -21.32 12.82
C ALA B 223 24.07 -20.61 12.06
N LYS B 224 23.35 -21.34 11.22
CA LYS B 224 22.21 -20.79 10.54
C LYS B 224 21.22 -20.37 11.62
N PRO B 225 20.83 -19.07 11.63
CA PRO B 225 19.89 -18.56 12.63
C PRO B 225 18.47 -19.02 12.37
N VAL B 226 18.22 -20.27 12.70
CA VAL B 226 16.92 -20.88 12.50
C VAL B 226 15.95 -20.47 13.59
N THR B 227 14.67 -20.51 13.24
CA THR B 227 13.58 -20.47 14.20
C THR B 227 13.90 -21.47 15.32
N GLN B 228 13.93 -21.00 16.57
CA GLN B 228 14.31 -21.85 17.69
C GLN B 228 13.86 -21.25 19.02
N ILE B 229 13.84 -22.10 20.06
CA ILE B 229 13.62 -21.66 21.43
C ILE B 229 14.96 -21.56 22.17
N VAL B 230 15.28 -20.40 22.72
CA VAL B 230 16.45 -20.26 23.56
C VAL B 230 15.99 -19.94 24.97
N SER B 231 16.54 -20.66 25.96
CA SER B 231 16.09 -20.62 27.34
C SER B 231 17.18 -20.28 28.32
N ALA B 232 16.79 -19.99 29.55
CA ALA B 232 17.70 -19.83 30.66
C ALA B 232 16.93 -20.23 31.89
N GLU B 233 17.63 -20.65 32.93
CA GLU B 233 16.96 -21.21 34.10
C GLU B 233 17.56 -20.72 35.41
N ALA B 234 16.82 -20.93 36.50
CA ALA B 234 17.31 -20.67 37.84
C ALA B 234 16.62 -21.63 38.78
N TRP B 235 17.33 -22.05 39.81
CA TRP B 235 16.80 -22.90 40.85
C TRP B 235 16.47 -22.08 42.09
N GLY B 236 15.49 -22.53 42.87
CA GLY B 236 15.29 -22.03 44.23
C GLY B 236 16.56 -22.15 45.04
N ARG B 237 16.71 -21.31 46.06
CA ARG B 237 17.90 -21.28 46.89
C ARG B 237 18.31 -22.67 47.39
N ALA B 238 19.58 -23.03 47.16
CA ALA B 238 20.14 -24.32 47.59
C ALA B 238 20.25 -24.39 49.11
N ILE C 1 9.23 3.02 4.79
CA ILE C 1 7.99 3.84 4.57
C ILE C 1 6.95 3.18 3.64
N GLN C 2 5.72 3.06 4.12
CA GLN C 2 4.62 2.49 3.34
C GLN C 2 3.53 3.54 3.10
N VAL C 3 2.92 3.47 1.91
CA VAL C 3 1.89 4.40 1.47
C VAL C 3 0.63 3.62 1.07
N GLU C 4 -0.54 4.05 1.57
CA GLU C 4 -1.83 3.45 1.18
C GLU C 4 -2.74 4.50 0.54
N GLN C 5 -3.20 4.23 -0.68
CA GLN C 5 -4.12 5.11 -1.36
C GLN C 5 -5.54 4.54 -1.42
N SER C 6 -6.53 5.33 -1.10
CA SER C 6 -7.91 4.89 -1.27
C SER C 6 -8.62 5.94 -2.06
N PRO C 7 -9.75 5.67 -2.84
CA PRO C 7 -10.00 4.25 -3.11
C PRO C 7 -9.30 3.72 -4.36
N PRO C 8 -9.36 2.41 -4.54
CA PRO C 8 -8.63 1.73 -5.61
C PRO C 8 -9.05 2.30 -6.95
N ASP C 9 -10.36 2.40 -7.18
CA ASP C 9 -10.92 3.03 -8.38
C ASP C 9 -12.10 3.94 -8.01
N LEU C 10 -12.49 4.84 -8.90
CA LEU C 10 -13.56 5.79 -8.63
C LEU C 10 -14.20 6.31 -9.91
N ILE C 11 -15.52 6.16 -10.03
CA ILE C 11 -16.26 6.56 -11.23
C ILE C 11 -17.25 7.67 -10.88
N LEU C 12 -17.22 8.77 -11.61
CA LEU C 12 -18.10 9.90 -11.31
C LEU C 12 -18.72 10.49 -12.56
N GLN C 13 -19.94 10.99 -12.40
CA GLN C 13 -20.51 11.81 -13.42
C GLN C 13 -19.91 13.18 -13.26
N GLU C 14 -19.72 13.85 -14.38
CA GLU C 14 -19.16 15.19 -14.45
C GLU C 14 -19.99 16.10 -13.55
N GLY C 15 -19.31 16.94 -12.79
CA GLY C 15 -19.96 17.89 -11.89
C GLY C 15 -19.80 17.50 -10.43
N ALA C 16 -19.78 16.19 -10.17
CA ALA C 16 -19.63 15.65 -8.82
C ALA C 16 -18.29 16.03 -8.21
N ASN C 17 -18.27 16.20 -6.90
CA ASN C 17 -17.05 16.39 -6.16
C ASN C 17 -16.53 15.02 -5.76
N SER C 18 -15.21 14.89 -5.62
CA SER C 18 -14.71 13.70 -4.96
C SER C 18 -13.38 13.92 -4.28
N THR C 19 -13.10 13.08 -3.30
CA THR C 19 -11.84 13.12 -2.60
C THR C 19 -11.07 11.81 -2.75
N LEU C 20 -9.76 11.89 -2.62
CA LEU C 20 -8.90 10.75 -2.74
C LEU C 20 -8.02 10.83 -1.52
N ARG C 21 -7.82 9.69 -0.87
CA ARG C 21 -7.11 9.68 0.39
C ARG C 21 -5.77 9.03 0.17
N CYS C 22 -4.80 9.41 0.99
CA CYS C 22 -3.47 8.88 0.89
C CYS C 22 -2.96 8.77 2.30
N ASN C 23 -2.71 7.54 2.74
CA ASN C 23 -2.24 7.30 4.10
C ASN C 23 -0.81 6.87 4.04
N PHE C 24 -0.04 7.15 5.08
CA PHE C 24 1.36 6.72 5.14
C PHE C 24 1.79 6.27 6.55
N SER C 25 2.82 5.43 6.59
CA SER C 25 3.11 4.60 7.75
C SER C 25 3.95 5.33 8.75
N ASP C 26 4.43 6.51 8.37
CA ASP C 26 5.30 7.29 9.24
C ASP C 26 5.36 8.75 8.82
N SER C 27 5.88 9.61 9.71
CA SER C 27 6.16 11.03 9.44
C SER C 27 6.90 11.22 8.12
N VAL C 28 6.51 12.26 7.38
CA VAL C 28 7.13 12.55 6.11
C VAL C 28 7.50 14.02 6.02
N ASN C 29 8.68 14.30 5.48
CA ASN C 29 9.05 15.68 5.16
C ASN C 29 8.47 16.12 3.82
N ASN C 30 8.30 15.17 2.90
CA ASN C 30 7.79 15.49 1.56
C ASN C 30 6.55 14.73 1.21
N LEU C 31 5.65 15.38 0.51
CA LEU C 31 4.53 14.67 -0.05
C LEU C 31 4.09 15.37 -1.31
N GLN C 32 3.95 14.61 -2.39
CA GLN C 32 3.49 15.18 -3.64
C GLN C 32 2.31 14.41 -4.19
N TRP C 33 1.44 15.13 -4.88
CA TRP C 33 0.35 14.55 -5.65
C TRP C 33 0.63 14.70 -7.16
N PHE C 34 0.34 13.64 -7.90
CA PHE C 34 0.58 13.61 -9.34
C PHE C 34 -0.66 13.12 -10.07
N HIS C 35 -0.86 13.63 -11.29
CA HIS C 35 -1.84 13.07 -12.22
C HIS C 35 -1.06 12.51 -13.42
N GLN C 36 -1.39 11.30 -13.88
CA GLN C 36 -0.74 10.77 -15.08
C GLN C 36 -1.53 10.96 -16.39
N ASN C 37 -0.92 11.69 -17.34
CA ASN C 37 -1.47 11.94 -18.69
C ASN C 37 -1.42 10.70 -19.59
N PRO C 38 -2.31 10.64 -20.62
CA PRO C 38 -2.46 9.51 -21.56
C PRO C 38 -1.15 8.88 -22.05
N TRP C 39 -0.19 9.71 -22.46
CA TRP C 39 1.11 9.19 -22.93
C TRP C 39 2.10 8.92 -21.78
N GLY C 40 1.58 8.80 -20.55
CA GLY C 40 2.37 8.43 -19.36
C GLY C 40 3.14 9.54 -18.67
N GLN C 41 2.88 10.79 -19.04
CA GLN C 41 3.56 11.96 -18.44
C GLN C 41 2.92 12.38 -17.12
N LEU C 42 3.72 12.38 -16.06
CA LEU C 42 3.23 12.70 -14.73
C LEU C 42 3.23 14.22 -14.53
N ILE C 43 2.06 14.76 -14.20
CA ILE C 43 1.91 16.18 -13.92
C ILE C 43 1.94 16.39 -12.41
N ASN C 44 2.63 17.43 -11.96
CA ASN C 44 2.59 17.86 -10.54
C ASN C 44 1.35 18.64 -10.24
N LEU C 45 0.63 18.18 -9.23
CA LEU C 45 -0.54 18.87 -8.77
C LEU C 45 -0.20 19.69 -7.53
N PHE C 46 0.35 19.02 -6.51
CA PHE C 46 0.69 19.67 -5.25
C PHE C 46 1.94 19.11 -4.63
N TYR C 47 2.77 19.99 -4.09
CA TYR C 47 3.75 19.62 -3.08
C TYR C 47 3.13 20.06 -1.76
N ILE C 48 3.02 19.14 -0.81
CA ILE C 48 2.24 19.41 0.42
C ILE C 48 2.44 18.39 1.52
N PRO C 49 3.54 18.52 2.25
CA PRO C 49 3.77 17.67 3.42
C PRO C 49 2.89 18.05 4.62
N SER C 50 2.21 19.20 4.52
CA SER C 50 1.55 19.82 5.66
C SER C 50 0.70 21.01 5.22
N GLY C 51 -0.55 21.02 5.60
CA GLY C 51 -1.38 22.19 5.36
C GLY C 51 -2.32 22.03 4.20
N THR C 52 -2.80 23.18 3.69
CA THR C 52 -3.74 23.18 2.58
C THR C 52 -3.18 23.95 1.40
N LYS C 53 -3.66 23.66 0.20
CA LYS C 53 -3.28 24.35 -1.01
C LYS C 53 -4.43 24.22 -1.97
N GLN C 54 -4.63 25.27 -2.78
CA GLN C 54 -5.69 25.30 -3.79
C GLN C 54 -5.05 25.69 -5.10
N ASN C 55 -5.49 25.03 -6.16
CA ASN C 55 -5.21 25.44 -7.52
C ASN C 55 -6.45 25.13 -8.37
N GLY C 56 -7.21 26.18 -8.70
CA GLY C 56 -8.44 26.02 -9.45
C GLY C 56 -9.41 25.11 -8.72
N ARG C 57 -9.92 24.10 -9.44
CA ARG C 57 -10.92 23.18 -8.92
C ARG C 57 -10.31 22.11 -8.01
N LEU C 58 -8.99 22.13 -7.84
CA LEU C 58 -8.32 21.15 -6.99
C LEU C 58 -7.79 21.73 -5.68
N SER C 59 -7.81 20.91 -4.64
CA SER C 59 -7.18 21.27 -3.37
C SER C 59 -6.69 20.01 -2.70
N ALA C 60 -5.79 20.19 -1.74
CA ALA C 60 -5.20 19.11 -0.96
C ALA C 60 -5.01 19.59 0.45
N THR C 61 -5.25 18.70 1.41
CA THR C 61 -4.92 19.00 2.80
C THR C 61 -4.15 17.81 3.31
N THR C 62 -3.09 18.07 4.06
CA THR C 62 -2.33 17.02 4.66
C THR C 62 -2.31 17.24 6.17
N VAL C 63 -2.91 16.30 6.89
CA VAL C 63 -2.92 16.35 8.34
C VAL C 63 -1.70 15.56 8.79
N ALA C 64 -0.60 16.28 8.95
CA ALA C 64 0.69 15.62 9.20
C ALA C 64 0.72 14.76 10.46
N THR C 65 0.03 15.18 11.53
CA THR C 65 0.06 14.38 12.76
C THR C 65 -0.76 13.09 12.67
N GLU C 66 -1.72 13.03 11.74
CA GLU C 66 -2.56 11.85 11.53
C GLU C 66 -2.08 10.98 10.38
N ARG C 67 -0.95 11.38 9.78
CA ARG C 67 -0.34 10.68 8.65
C ARG C 67 -1.21 10.41 7.44
N TYR C 68 -2.07 11.37 7.07
CA TYR C 68 -2.75 11.28 5.77
C TYR C 68 -2.81 12.61 5.03
N SER C 69 -3.29 12.52 3.78
CA SER C 69 -3.45 13.65 2.90
C SER C 69 -4.70 13.38 2.06
N LEU C 70 -5.50 14.44 1.84
CA LEU C 70 -6.71 14.37 1.06
C LEU C 70 -6.56 15.22 -0.17
N LEU C 71 -6.83 14.64 -1.34
CA LEU C 71 -6.89 15.44 -2.55
C LEU C 71 -8.36 15.64 -2.91
N TYR C 72 -8.81 16.90 -2.89
CA TYR C 72 -10.20 17.21 -3.18
C TYR C 72 -10.34 17.71 -4.61
N ILE C 73 -11.24 17.09 -5.36
CA ILE C 73 -11.58 17.55 -6.71
C ILE C 73 -13.01 18.11 -6.80
N SER C 74 -13.13 19.41 -7.00
CA SER C 74 -14.45 20.04 -7.16
C SER C 74 -14.92 19.94 -8.60
N SER C 75 -16.23 19.76 -8.78
CA SER C 75 -16.88 19.72 -10.10
C SER C 75 -16.01 18.99 -11.11
N SER C 76 -15.79 17.71 -10.85
CA SER C 76 -14.99 16.86 -11.72
C SER C 76 -15.41 17.04 -13.17
N GLN C 77 -14.44 17.41 -14.01
CA GLN C 77 -14.61 17.48 -15.46
C GLN C 77 -14.09 16.19 -16.05
N THR C 78 -14.40 15.93 -17.33
CA THR C 78 -14.02 14.67 -18.00
C THR C 78 -12.50 14.45 -18.05
N THR C 79 -11.79 15.56 -18.28
CA THR C 79 -10.36 15.60 -18.42
C THR C 79 -9.60 15.28 -17.11
N ASP C 80 -10.34 15.18 -16.01
CA ASP C 80 -9.77 14.84 -14.72
C ASP C 80 -9.45 13.36 -14.64
N SER C 81 -10.00 12.56 -15.56
CA SER C 81 -9.79 11.09 -15.49
C SER C 81 -8.34 10.67 -15.78
N GLY C 82 -7.88 9.66 -15.05
CA GLY C 82 -6.51 9.20 -15.14
C GLY C 82 -6.12 8.57 -13.82
N VAL C 83 -4.85 8.21 -13.68
CA VAL C 83 -4.37 7.71 -12.40
C VAL C 83 -3.86 8.91 -11.55
N TYR C 84 -4.09 8.82 -10.24
CA TYR C 84 -3.63 9.84 -9.32
C TYR C 84 -2.73 9.19 -8.30
N PHE C 85 -1.46 9.63 -8.29
CA PHE C 85 -0.47 9.08 -7.34
C PHE C 85 -0.17 10.10 -6.30
N CYS C 86 -0.09 9.65 -5.04
CA CYS C 86 0.58 10.42 -4.02
C CYS C 86 1.87 9.69 -3.77
N ALA C 87 2.88 10.43 -3.32
CA ALA C 87 4.20 9.90 -3.09
C ALA C 87 4.82 10.66 -1.92
N VAL C 88 5.84 10.08 -1.31
CA VAL C 88 6.27 10.48 0.01
C VAL C 88 7.76 10.19 0.25
N ASP C 89 8.44 10.99 1.10
CA ASP C 89 9.67 10.54 1.80
C ASP C 89 10.05 11.39 3.00
N ARG C 96 14.45 9.88 -2.58
CA ARG C 96 13.51 9.21 -3.50
C ARG C 96 12.10 9.21 -2.96
N LEU C 97 11.14 9.54 -3.82
CA LEU C 97 9.75 9.43 -3.46
C LEU C 97 9.34 7.97 -3.52
N TYR C 98 8.74 7.48 -2.43
CA TYR C 98 8.06 6.19 -2.44
C TYR C 98 6.65 6.44 -2.98
N PHE C 99 6.31 5.79 -4.07
CA PHE C 99 4.98 5.96 -4.65
C PHE C 99 3.93 4.98 -4.11
N GLY C 100 2.73 5.49 -3.91
CA GLY C 100 1.56 4.64 -3.67
C GLY C 100 1.09 4.04 -4.97
N ARG C 101 0.16 3.10 -4.89
CA ARG C 101 -0.26 2.32 -6.05
C ARG C 101 -1.15 3.11 -6.98
N GLY C 102 -1.71 4.21 -6.49
CA GLY C 102 -2.55 5.07 -7.30
C GLY C 102 -4.05 4.90 -7.09
N THR C 103 -4.80 5.91 -7.52
CA THR C 103 -6.24 5.85 -7.60
C THR C 103 -6.61 6.09 -9.05
N GLN C 104 -7.34 5.13 -9.62
CA GLN C 104 -7.79 5.24 -10.99
C GLN C 104 -9.13 5.97 -10.98
N LEU C 105 -9.24 7.05 -11.74
CA LEU C 105 -10.47 7.82 -11.77
C LEU C 105 -10.99 7.95 -13.17
N THR C 106 -12.31 7.75 -13.31
CA THR C 106 -13.01 8.05 -14.56
C THR C 106 -14.16 9.01 -14.32
N VAL C 107 -14.28 10.02 -15.19
CA VAL C 107 -15.36 11.00 -15.11
C VAL C 107 -16.14 10.99 -16.43
N TRP C 108 -17.38 10.51 -16.38
CA TRP C 108 -18.24 10.51 -17.56
C TRP C 108 -19.03 11.80 -17.68
N PRO C 109 -19.33 12.22 -18.92
CA PRO C 109 -19.99 13.51 -19.16
C PRO C 109 -21.47 13.52 -18.79
N ASP C 110 -22.01 14.70 -18.55
CA ASP C 110 -23.42 14.83 -18.26
C ASP C 110 -24.18 15.17 -19.54
N ILE C 111 -24.61 14.13 -20.24
CA ILE C 111 -25.26 14.31 -21.54
C ILE C 111 -26.74 14.67 -21.32
N GLN C 112 -27.04 15.97 -21.44
CA GLN C 112 -28.39 16.49 -21.15
C GLN C 112 -29.36 16.29 -22.33
N LYS C 113 -28.87 16.57 -23.54
CA LYS C 113 -29.69 16.50 -24.74
C LYS C 113 -29.24 15.36 -25.67
N PRO C 114 -29.44 14.09 -25.26
CA PRO C 114 -28.95 12.97 -26.08
C PRO C 114 -29.68 12.91 -27.41
N ASP C 115 -29.10 12.20 -28.36
CA ASP C 115 -29.64 12.13 -29.71
C ASP C 115 -29.05 10.90 -30.38
N PRO C 116 -29.23 9.71 -29.77
CA PRO C 116 -28.53 8.52 -30.28
C PRO C 116 -28.77 8.31 -31.78
N ALA C 117 -27.69 7.99 -32.49
CA ALA C 117 -27.75 7.78 -33.93
C ALA C 117 -26.59 6.90 -34.38
N VAL C 118 -26.80 6.18 -35.48
CA VAL C 118 -25.75 5.39 -36.10
C VAL C 118 -25.56 5.85 -37.56
N TYR C 119 -24.45 6.51 -37.84
CA TYR C 119 -24.20 7.02 -39.19
C TYR C 119 -23.19 6.20 -39.95
N GLN C 120 -23.34 6.13 -41.26
CA GLN C 120 -22.30 5.58 -42.11
C GLN C 120 -21.43 6.70 -42.66
N LEU C 121 -20.12 6.49 -42.59
CA LEU C 121 -19.16 7.52 -42.96
C LEU C 121 -18.52 7.23 -44.31
N ARG C 122 -18.52 8.24 -45.18
CA ARG C 122 -17.99 8.15 -46.54
C ARG C 122 -16.62 7.51 -46.56
N SER C 130 -15.75 -0.52 -44.55
CA SER C 130 -15.83 0.87 -44.04
C SER C 130 -16.58 1.06 -42.69
N VAL C 131 -16.92 2.32 -42.38
CA VAL C 131 -17.09 2.79 -41.00
C VAL C 131 -18.49 3.18 -40.53
N CYS C 132 -18.86 2.68 -39.36
CA CYS C 132 -20.11 3.05 -38.68
C CYS C 132 -19.84 3.78 -37.37
N LEU C 133 -20.55 4.88 -37.15
CA LEU C 133 -20.37 5.68 -35.94
C LEU C 133 -21.64 5.83 -35.12
N PHE C 134 -21.60 5.25 -33.91
CA PHE C 134 -22.66 5.41 -32.93
C PHE C 134 -22.30 6.61 -32.07
N THR C 135 -23.20 7.60 -32.02
CA THR C 135 -22.90 8.90 -31.44
C THR C 135 -24.08 9.54 -30.71
N ASP C 136 -23.76 10.41 -29.77
CA ASP C 136 -24.73 11.28 -29.12
C ASP C 136 -25.64 10.56 -28.13
N PHE C 137 -25.28 9.34 -27.75
CA PHE C 137 -25.91 8.68 -26.61
C PHE C 137 -25.42 9.28 -25.29
N ASP C 138 -26.05 8.88 -24.17
CA ASP C 138 -25.61 9.32 -22.84
C ASP C 138 -24.65 8.33 -22.18
N SER C 139 -24.14 8.74 -21.02
CA SER C 139 -23.13 7.97 -20.29
C SER C 139 -23.67 6.65 -19.75
N GLN C 140 -24.99 6.49 -19.80
CA GLN C 140 -25.66 5.30 -19.28
C GLN C 140 -25.76 4.21 -20.35
N THR C 141 -25.26 4.49 -21.55
CA THR C 141 -25.22 3.47 -22.57
C THR C 141 -23.82 2.85 -22.57
N ASN C 142 -23.76 1.52 -22.59
CA ASN C 142 -22.51 0.80 -22.69
C ASN C 142 -22.38 0.15 -24.05
N VAL C 143 -21.16 0.15 -24.59
CA VAL C 143 -20.92 -0.41 -25.90
C VAL C 143 -20.08 -1.68 -25.76
N SER C 144 -20.59 -2.78 -26.29
CA SER C 144 -19.91 -4.08 -26.23
C SER C 144 -19.13 -4.34 -27.51
N GLN C 145 -18.17 -5.26 -27.43
CA GLN C 145 -17.49 -5.75 -28.62
C GLN C 145 -18.45 -6.66 -29.42
N SER C 146 -18.07 -7.01 -30.64
CA SER C 146 -18.94 -7.80 -31.50
C SER C 146 -18.87 -9.29 -31.14
N LYS C 147 -19.92 -10.02 -31.52
CA LYS C 147 -19.92 -11.49 -31.48
C LYS C 147 -18.88 -12.01 -32.48
N ASP C 148 -19.01 -11.58 -33.73
CA ASP C 148 -18.07 -11.93 -34.81
C ASP C 148 -16.73 -11.19 -34.65
N SER C 149 -15.64 -11.86 -34.96
CA SER C 149 -14.32 -11.26 -34.82
C SER C 149 -13.73 -10.75 -36.15
N ASP C 150 -14.58 -10.64 -37.17
CA ASP C 150 -14.22 -9.91 -38.39
C ASP C 150 -14.81 -8.51 -38.33
N VAL C 151 -15.48 -8.23 -37.22
CA VAL C 151 -16.04 -6.90 -36.94
C VAL C 151 -15.33 -6.31 -35.73
N TYR C 152 -14.98 -5.03 -35.85
CA TYR C 152 -14.28 -4.31 -34.80
C TYR C 152 -15.14 -3.19 -34.22
N ILE C 153 -15.38 -3.24 -32.91
CA ILE C 153 -16.10 -2.19 -32.22
C ILE C 153 -15.21 -1.48 -31.21
N THR C 154 -15.37 -0.17 -31.14
CA THR C 154 -14.60 0.70 -30.28
C THR C 154 -15.41 1.05 -29.04
N ASP C 155 -14.74 1.21 -27.91
CA ASP C 155 -15.37 1.72 -26.69
C ASP C 155 -15.85 3.13 -26.87
N LYS C 156 -16.83 3.55 -26.08
CA LYS C 156 -17.25 4.93 -26.10
C LYS C 156 -16.09 5.82 -25.65
N CYS C 157 -15.98 6.98 -26.26
CA CYS C 157 -15.18 8.05 -25.69
C CYS C 157 -15.81 9.42 -25.95
N VAL C 158 -15.54 10.37 -25.05
CA VAL C 158 -16.20 11.67 -25.07
C VAL C 158 -15.31 12.76 -25.65
N LEU C 159 -15.83 13.48 -26.63
CA LEU C 159 -15.14 14.64 -27.15
C LEU C 159 -15.84 15.91 -26.69
N ASP C 160 -15.07 16.98 -26.55
CA ASP C 160 -15.57 18.22 -26.00
C ASP C 160 -15.38 19.33 -27.05
N MET C 161 -16.48 19.80 -27.64
CA MET C 161 -16.39 20.94 -28.54
C MET C 161 -16.37 22.22 -27.72
N ARG C 162 -15.23 22.45 -27.07
CA ARG C 162 -14.99 23.62 -26.23
C ARG C 162 -15.79 24.88 -26.56
N SER C 163 -15.51 25.50 -27.71
CA SER C 163 -16.14 26.77 -28.06
C SER C 163 -17.67 26.68 -28.19
N MET C 164 -18.18 25.53 -28.59
CA MET C 164 -19.63 25.33 -28.68
C MET C 164 -20.26 24.88 -27.38
N ASP C 165 -19.45 24.71 -26.33
CA ASP C 165 -19.96 24.26 -25.03
C ASP C 165 -20.75 22.95 -25.09
N PHE C 166 -20.19 21.97 -25.79
CA PHE C 166 -20.91 20.76 -26.18
C PHE C 166 -19.98 19.58 -25.98
N LYS C 167 -20.54 18.49 -25.45
CA LYS C 167 -19.81 17.23 -25.33
C LYS C 167 -20.63 16.15 -26.00
N SER C 168 -19.99 15.05 -26.37
CA SER C 168 -20.71 13.91 -26.97
C SER C 168 -19.89 12.64 -26.93
N ASN C 169 -20.60 11.53 -26.77
CA ASN C 169 -20.01 10.20 -26.74
C ASN C 169 -20.06 9.60 -28.13
N SER C 170 -19.09 8.76 -28.45
CA SER C 170 -19.15 8.02 -29.70
C SER C 170 -18.43 6.70 -29.58
N ALA C 171 -18.78 5.77 -30.46
CA ALA C 171 -18.09 4.51 -30.60
C ALA C 171 -17.99 4.18 -32.09
N VAL C 172 -16.97 3.43 -32.47
CA VAL C 172 -16.75 3.16 -33.89
C VAL C 172 -16.75 1.67 -34.16
N ALA C 173 -17.39 1.32 -35.28
CA ALA C 173 -17.43 -0.04 -35.79
C ALA C 173 -17.01 -0.05 -37.25
N TRP C 174 -16.21 -1.03 -37.62
CA TRP C 174 -15.77 -1.16 -39.01
C TRP C 174 -15.52 -2.62 -39.42
N SER C 175 -15.67 -2.88 -40.72
CA SER C 175 -15.43 -4.21 -41.29
C SER C 175 -15.07 -4.14 -42.77
N ASN C 176 -14.62 -5.27 -43.31
CA ASN C 176 -14.24 -5.37 -44.73
C ASN C 176 -15.05 -6.42 -45.50
N PHE C 180 -22.26 -6.93 -43.61
CA PHE C 180 -22.07 -5.90 -42.58
C PHE C 180 -22.59 -4.54 -43.04
N ALA C 181 -23.63 -4.07 -42.37
CA ALA C 181 -24.13 -2.72 -42.60
C ALA C 181 -24.36 -2.08 -41.25
N CYS C 182 -24.45 -0.74 -41.24
CA CYS C 182 -24.53 -0.01 -40.00
C CYS C 182 -25.74 -0.39 -39.14
N ALA C 183 -26.81 -0.85 -39.77
CA ALA C 183 -28.04 -1.22 -39.06
C ALA C 183 -27.86 -2.38 -38.08
N ASN C 184 -26.87 -3.23 -38.32
CA ASN C 184 -26.63 -4.39 -37.48
C ASN C 184 -25.31 -4.33 -36.74
N ALA C 185 -24.57 -3.24 -36.98
CA ALA C 185 -23.23 -3.02 -36.42
C ALA C 185 -23.11 -3.20 -34.91
N PHE C 186 -24.05 -2.62 -34.16
CA PHE C 186 -23.97 -2.56 -32.69
C PHE C 186 -24.97 -3.49 -32.01
N ASN C 187 -25.32 -4.57 -32.72
CA ASN C 187 -26.37 -5.49 -32.28
C ASN C 187 -26.14 -6.16 -30.93
N ASN C 188 -24.87 -6.30 -30.54
CA ASN C 188 -24.51 -6.88 -29.24
C ASN C 188 -24.48 -5.84 -28.11
N SER C 189 -25.02 -4.65 -28.37
CA SER C 189 -25.07 -3.58 -27.36
C SER C 189 -26.52 -3.20 -27.09
N ILE C 190 -26.84 -2.91 -25.83
CA ILE C 190 -28.16 -2.40 -25.48
C ILE C 190 -28.18 -0.91 -25.76
N ILE C 191 -28.90 -0.54 -26.82
CA ILE C 191 -28.91 0.84 -27.32
C ILE C 191 -30.31 1.44 -27.21
N PRO C 192 -30.41 2.77 -26.96
CA PRO C 192 -31.73 3.39 -26.79
C PRO C 192 -32.67 3.01 -27.93
N GLU C 193 -33.95 2.78 -27.63
CA GLU C 193 -34.89 2.32 -28.66
C GLU C 193 -35.08 3.40 -29.74
N ASP C 194 -35.00 4.66 -29.34
CA ASP C 194 -35.24 5.80 -30.23
C ASP C 194 -34.00 6.20 -31.05
N THR C 195 -33.03 5.29 -31.17
CA THR C 195 -31.80 5.53 -31.94
C THR C 195 -32.10 5.72 -33.43
N PHE C 196 -31.67 6.87 -33.95
CA PHE C 196 -31.89 7.28 -35.33
C PHE C 196 -31.03 6.49 -36.32
N PHE C 197 -31.68 5.87 -37.31
CA PHE C 197 -30.98 5.17 -38.38
C PHE C 197 -31.37 5.77 -39.72
N PRO C 198 -30.46 6.50 -40.37
CA PRO C 198 -30.72 6.98 -41.72
C PRO C 198 -30.60 5.83 -42.73
N VAL D 2 12.45 18.91 -17.83
CA VAL D 2 13.00 17.51 -17.82
C VAL D 2 12.80 16.84 -19.17
N THR D 3 13.85 16.18 -19.63
CA THR D 3 13.95 15.77 -21.01
C THR D 3 14.43 14.33 -21.02
N GLN D 4 13.82 13.50 -21.87
CA GLN D 4 14.30 12.12 -22.07
C GLN D 4 14.32 11.75 -23.54
N SER D 5 15.31 10.95 -23.91
CA SER D 5 15.39 10.38 -25.22
C SER D 5 15.96 9.00 -25.13
N PRO D 6 15.62 7.99 -26.05
CA PRO D 6 14.52 8.31 -26.95
C PRO D 6 13.14 8.16 -26.37
N THR D 7 12.11 8.47 -27.13
CA THR D 7 10.73 8.41 -26.64
C THR D 7 10.34 6.94 -26.49
N HIS D 8 10.74 6.12 -27.46
CA HIS D 8 10.37 4.73 -27.52
C HIS D 8 11.59 4.01 -28.07
N LEU D 9 11.69 2.71 -27.83
CA LEU D 9 12.88 1.96 -28.17
C LEU D 9 12.58 0.47 -28.19
N ILE D 10 12.83 -0.17 -29.34
CA ILE D 10 12.66 -1.63 -29.50
C ILE D 10 14.01 -2.35 -29.53
N LYS D 11 14.16 -3.36 -28.68
CA LYS D 11 15.37 -4.19 -28.63
C LYS D 11 14.99 -5.66 -28.57
N THR D 12 15.98 -6.55 -28.62
CA THR D 12 15.75 -8.00 -28.60
C THR D 12 16.56 -8.59 -27.48
N ARG D 13 16.18 -9.78 -27.04
CA ARG D 13 16.85 -10.41 -25.89
C ARG D 13 18.35 -10.35 -26.07
N GLY D 14 19.06 -10.19 -24.95
CA GLY D 14 20.52 -10.15 -24.98
C GLY D 14 21.12 -8.79 -25.28
N GLN D 15 20.36 -7.92 -25.95
CA GLN D 15 20.89 -6.63 -26.36
C GLN D 15 21.16 -5.65 -25.21
N GLN D 16 21.48 -4.42 -25.57
CA GLN D 16 21.70 -3.35 -24.59
C GLN D 16 20.81 -2.15 -24.91
N ALA D 17 20.27 -1.50 -23.88
CA ALA D 17 19.38 -0.37 -24.09
C ALA D 17 20.01 0.85 -23.47
N THR D 18 20.00 1.97 -24.19
CA THR D 18 20.51 3.19 -23.63
C THR D 18 19.41 4.21 -23.49
N LEU D 19 19.20 4.66 -22.26
CA LEU D 19 18.19 5.67 -21.97
C LEU D 19 18.90 6.88 -21.40
N ARG D 20 18.53 8.07 -21.86
CA ARG D 20 19.22 9.29 -21.53
C ARG D 20 18.25 10.29 -20.93
N CYS D 21 18.76 11.14 -20.06
CA CYS D 21 17.90 12.12 -19.40
C CYS D 21 18.65 13.39 -19.08
N SER D 22 17.95 14.51 -19.18
CA SER D 22 18.49 15.80 -18.78
C SER D 22 17.56 16.48 -17.77
N PRO D 23 18.02 16.60 -16.51
CA PRO D 23 17.28 17.25 -15.44
C PRO D 23 17.04 18.71 -15.74
N ILE D 24 16.22 19.36 -14.92
CA ILE D 24 16.06 20.81 -14.98
C ILE D 24 17.35 21.46 -14.47
N SER D 25 17.80 22.49 -15.18
CA SER D 25 19.00 23.25 -14.78
C SER D 25 18.89 23.76 -13.34
N GLY D 26 19.76 23.24 -12.48
CA GLY D 26 19.72 23.52 -11.06
C GLY D 26 19.66 22.22 -10.30
N HIS D 27 18.89 21.27 -10.82
CA HIS D 27 18.66 20.02 -10.07
C HIS D 27 19.92 19.17 -10.16
N THR D 28 20.37 18.68 -9.01
CA THR D 28 21.59 17.89 -8.92
C THR D 28 21.23 16.45 -8.72
N SER D 29 19.95 16.20 -8.54
CA SER D 29 19.45 14.87 -8.25
C SER D 29 18.61 14.29 -9.39
N VAL D 30 18.88 13.05 -9.76
CA VAL D 30 18.10 12.41 -10.80
C VAL D 30 17.55 11.07 -10.32
N TYR D 31 16.26 10.82 -10.56
CA TYR D 31 15.65 9.56 -10.17
C TYR D 31 15.14 8.81 -11.38
N TRP D 32 15.39 7.50 -11.39
CA TRP D 32 14.87 6.62 -12.43
C TRP D 32 13.84 5.68 -11.82
N TYR D 33 12.71 5.52 -12.50
CA TYR D 33 11.69 4.58 -12.06
C TYR D 33 11.25 3.74 -13.22
N GLN D 34 10.89 2.50 -12.92
CA GLN D 34 10.36 1.60 -13.91
C GLN D 34 8.87 1.43 -13.64
N GLN D 35 8.06 1.54 -14.70
CA GLN D 35 6.63 1.32 -14.60
C GLN D 35 6.12 0.30 -15.65
N ALA D 36 5.85 -0.93 -15.19
CA ALA D 36 5.19 -1.94 -16.03
C ALA D 36 3.74 -1.53 -16.32
N LEU D 37 3.22 -1.92 -17.47
CA LEU D 37 1.91 -1.40 -17.92
C LEU D 37 0.78 -1.60 -16.90
N GLY D 38 -0.03 -0.55 -16.74
CA GLY D 38 -1.19 -0.53 -15.81
C GLY D 38 -0.84 -0.67 -14.33
N LEU D 39 0.45 -0.51 -13.99
CA LEU D 39 0.94 -0.73 -12.63
C LEU D 39 1.69 0.46 -12.02
N GLY D 40 2.41 0.20 -10.93
CA GLY D 40 3.04 1.25 -10.15
C GLY D 40 4.44 1.63 -10.58
N LEU D 41 4.94 2.70 -9.99
CA LEU D 41 6.31 3.13 -10.21
C LEU D 41 7.22 2.41 -9.25
N GLN D 42 8.08 1.54 -9.78
CA GLN D 42 9.11 0.90 -8.96
C GLN D 42 10.40 1.70 -9.07
N PHE D 43 10.97 2.08 -7.93
CA PHE D 43 12.19 2.88 -7.94
C PHE D 43 13.40 2.07 -8.36
N LEU D 44 14.23 2.67 -9.21
CA LEU D 44 15.36 2.01 -9.86
C LEU D 44 16.73 2.55 -9.40
N LEU D 45 16.96 3.85 -9.56
CA LEU D 45 18.26 4.42 -9.24
C LEU D 45 18.16 5.90 -8.94
N TRP D 46 19.00 6.38 -8.03
CA TRP D 46 19.24 7.81 -7.96
C TRP D 46 20.70 8.21 -7.90
N TYR D 47 20.95 9.34 -8.55
CA TYR D 47 22.23 9.96 -8.62
C TYR D 47 22.01 11.34 -8.11
N ASP D 48 22.90 11.75 -7.22
CA ASP D 48 23.07 13.14 -6.86
C ASP D 48 24.55 13.46 -7.09
N GLU D 49 24.82 14.66 -7.59
CA GLU D 49 26.19 15.15 -7.84
C GLU D 49 27.11 14.04 -8.41
N GLY D 50 26.87 13.64 -9.66
CA GLY D 50 27.71 12.63 -10.31
C GLY D 50 27.72 11.21 -9.74
N GLU D 51 27.15 11.00 -8.55
CA GLU D 51 27.29 9.71 -7.86
C GLU D 51 26.00 8.87 -7.70
N GLU D 52 26.14 7.55 -7.84
CA GLU D 52 25.06 6.62 -7.53
C GLU D 52 24.82 6.56 -6.03
N ARG D 53 23.67 7.06 -5.57
CA ARG D 53 23.41 7.15 -4.13
C ARG D 53 22.64 5.99 -3.53
N ASN D 54 21.86 5.29 -4.36
CA ASN D 54 21.04 4.14 -3.94
C ASN D 54 20.33 3.50 -5.14
N ARG D 55 20.06 2.21 -5.04
CA ARG D 55 19.26 1.52 -6.04
C ARG D 55 18.20 0.61 -5.44
N GLY D 56 17.10 0.45 -6.17
CA GLY D 56 16.05 -0.50 -5.84
C GLY D 56 16.50 -1.91 -6.13
N ASN D 57 15.56 -2.84 -6.19
CA ASN D 57 15.91 -4.26 -6.34
C ASN D 57 16.32 -4.66 -7.77
N PHE D 58 17.36 -4.00 -8.30
CA PHE D 58 17.78 -4.30 -9.66
C PHE D 58 19.21 -4.84 -9.75
N PRO D 59 19.42 -5.91 -10.55
CA PRO D 59 20.73 -6.55 -10.72
C PRO D 59 21.75 -5.65 -11.45
N PRO D 60 23.06 -5.93 -11.29
CA PRO D 60 24.03 -5.04 -11.95
C PRO D 60 23.89 -4.94 -13.48
N ARG D 61 23.05 -5.80 -14.09
CA ARG D 61 22.60 -5.63 -15.49
C ARG D 61 22.23 -4.19 -15.77
N PHE D 62 21.59 -3.58 -14.78
CA PHE D 62 21.09 -2.23 -14.87
C PHE D 62 22.17 -1.37 -14.30
N SER D 63 22.74 -0.49 -15.13
CA SER D 63 23.73 0.47 -14.67
C SER D 63 23.47 1.82 -15.28
N GLY D 64 24.18 2.83 -14.78
CA GLY D 64 24.12 4.16 -15.35
C GLY D 64 25.15 5.10 -14.75
N ARG D 65 24.86 6.39 -14.81
CA ARG D 65 25.76 7.41 -14.31
C ARG D 65 25.14 8.78 -14.42
N GLN D 66 25.76 9.75 -13.77
CA GLN D 66 25.35 11.13 -13.85
C GLN D 66 26.58 11.97 -14.16
N PHE D 67 26.46 12.84 -15.17
CA PHE D 67 27.60 13.63 -15.61
C PHE D 67 27.67 14.92 -14.78
N PRO D 68 28.85 15.54 -14.71
CA PRO D 68 29.06 16.77 -13.94
C PRO D 68 27.96 17.81 -14.05
N ASN D 69 27.29 17.85 -15.19
CA ASN D 69 26.21 18.82 -15.42
C ASN D 69 24.85 18.30 -14.94
N TYR D 70 24.85 17.08 -14.39
CA TYR D 70 23.70 16.46 -13.73
C TYR D 70 22.80 15.66 -14.66
N SER D 71 23.15 15.64 -15.94
CA SER D 71 22.49 14.77 -16.89
C SER D 71 22.88 13.33 -16.63
N SER D 72 22.08 12.40 -17.13
CA SER D 72 22.19 11.03 -16.67
C SER D 72 21.75 10.03 -17.74
N GLU D 73 22.25 8.80 -17.64
CA GLU D 73 21.86 7.74 -18.56
C GLU D 73 21.83 6.38 -17.89
N LEU D 74 20.88 5.54 -18.29
CA LEU D 74 20.83 4.14 -17.90
C LEU D 74 21.30 3.29 -19.05
N ASN D 75 22.08 2.27 -18.74
CA ASN D 75 22.36 1.27 -19.75
C ASN D 75 21.89 -0.05 -19.18
N VAL D 76 20.92 -0.65 -19.85
CA VAL D 76 20.40 -1.91 -19.38
C VAL D 76 20.98 -3.02 -20.25
N ASN D 77 21.81 -3.88 -19.67
CA ASN D 77 22.44 -4.98 -20.42
C ASN D 77 21.64 -6.26 -20.33
N ALA D 78 22.02 -7.20 -21.20
CA ALA D 78 21.38 -8.53 -21.26
C ALA D 78 19.84 -8.43 -21.19
N LEU D 79 19.26 -7.60 -22.07
CA LEU D 79 17.84 -7.31 -22.03
C LEU D 79 16.96 -8.55 -21.97
N GLU D 80 16.00 -8.55 -21.06
CA GLU D 80 15.00 -9.62 -20.97
C GLU D 80 13.62 -9.10 -21.38
N LEU D 81 12.73 -9.99 -21.80
CA LEU D 81 11.34 -9.60 -22.12
C LEU D 81 10.63 -8.84 -20.98
N GLU D 82 10.79 -9.32 -19.75
CA GLU D 82 10.17 -8.70 -18.57
C GLU D 82 10.69 -7.29 -18.32
N ASP D 83 11.66 -6.85 -19.13
CA ASP D 83 12.24 -5.52 -19.00
C ASP D 83 11.38 -4.45 -19.66
N SER D 84 10.50 -4.88 -20.57
CA SER D 84 9.60 -3.96 -21.26
C SER D 84 8.81 -3.14 -20.23
N ALA D 85 9.04 -1.83 -20.22
CA ALA D 85 8.37 -0.95 -19.27
C ALA D 85 8.44 0.49 -19.78
N LEU D 86 7.82 1.41 -19.06
CA LEU D 86 8.07 2.84 -19.23
C LEU D 86 9.14 3.23 -18.22
N TYR D 87 10.22 3.84 -18.71
CA TYR D 87 11.30 4.24 -17.81
C TYR D 87 11.28 5.73 -17.60
N LEU D 88 10.99 6.13 -16.37
CA LEU D 88 10.78 7.52 -16.05
C LEU D 88 11.99 8.14 -15.37
N CYS D 89 12.27 9.36 -15.75
CA CYS D 89 13.36 10.11 -15.19
C CYS D 89 12.75 11.26 -14.45
N ALA D 90 13.26 11.52 -13.25
CA ALA D 90 12.82 12.68 -12.47
C ALA D 90 14.01 13.43 -11.91
N SER D 91 13.86 14.76 -11.80
CA SER D 91 14.87 15.61 -11.17
C SER D 91 14.30 16.47 -10.02
N SER D 92 15.17 16.77 -9.05
CA SER D 92 14.79 17.51 -7.87
C SER D 92 15.83 18.58 -7.51
N GLU D 96 12.99 17.97 -1.75
CA GLU D 96 12.39 18.99 -2.62
C GLU D 96 11.40 18.40 -3.67
N THR D 97 10.76 19.29 -4.44
CA THR D 97 9.80 18.90 -5.48
C THR D 97 10.44 18.13 -6.64
N GLN D 98 9.84 16.99 -6.99
CA GLN D 98 10.28 16.17 -8.12
C GLN D 98 9.43 16.42 -9.36
N TYR D 99 10.10 16.51 -10.51
CA TYR D 99 9.42 16.70 -11.79
C TYR D 99 9.79 15.54 -12.65
N PHE D 100 8.87 15.12 -13.52
CA PHE D 100 9.12 13.96 -14.35
C PHE D 100 9.30 14.31 -15.82
N GLY D 101 10.21 13.61 -16.49
CA GLY D 101 10.23 13.61 -17.96
C GLY D 101 9.09 12.78 -18.53
N PRO D 102 8.98 12.71 -19.86
CA PRO D 102 7.93 11.94 -20.55
C PRO D 102 8.05 10.42 -20.40
N GLY D 103 9.25 9.97 -20.03
CA GLY D 103 9.54 8.54 -19.97
C GLY D 103 10.12 8.05 -21.29
N THR D 104 10.86 6.95 -21.25
CA THR D 104 11.31 6.24 -22.43
C THR D 104 10.65 4.87 -22.39
N ARG D 105 9.84 4.56 -23.40
CA ARG D 105 9.20 3.26 -23.43
C ARG D 105 10.11 2.23 -24.10
N LEU D 106 10.56 1.24 -23.33
CA LEU D 106 11.37 0.15 -23.84
C LEU D 106 10.51 -1.06 -24.14
N LEU D 107 10.67 -1.62 -25.32
CA LEU D 107 10.05 -2.90 -25.68
C LEU D 107 11.15 -3.91 -26.05
N VAL D 108 11.10 -5.07 -25.42
CA VAL D 108 12.05 -6.16 -25.66
C VAL D 108 11.32 -7.35 -26.28
N LEU D 109 11.69 -7.68 -27.50
CA LEU D 109 11.02 -8.71 -28.28
C LEU D 109 11.91 -9.92 -28.53
N GLU D 110 11.28 -11.04 -28.89
CA GLU D 110 11.99 -12.24 -29.28
C GLU D 110 12.68 -12.02 -30.63
N ASP D 111 11.94 -11.48 -31.59
CA ASP D 111 12.51 -10.97 -32.84
C ASP D 111 11.74 -9.75 -33.35
N LEU D 112 12.18 -9.16 -34.44
CA LEU D 112 11.55 -7.97 -34.98
C LEU D 112 10.51 -8.27 -36.07
N LYS D 113 10.32 -9.54 -36.39
CA LYS D 113 9.47 -9.93 -37.52
C LYS D 113 7.99 -9.56 -37.40
N ASN D 114 7.55 -9.21 -36.19
CA ASN D 114 6.16 -8.78 -35.98
C ASN D 114 5.95 -7.27 -36.03
N VAL D 115 7.02 -6.51 -36.23
CA VAL D 115 6.92 -5.05 -36.27
C VAL D 115 6.33 -4.56 -37.59
N PHE D 116 5.15 -3.94 -37.53
CA PHE D 116 4.50 -3.36 -38.72
C PHE D 116 4.06 -1.93 -38.46
N PRO D 117 4.34 -1.01 -39.41
CA PRO D 117 3.83 0.34 -39.24
C PRO D 117 2.35 0.34 -39.58
N PRO D 118 1.63 1.41 -39.21
CA PRO D 118 0.20 1.40 -39.44
C PRO D 118 -0.18 1.93 -40.80
N GLU D 119 -1.36 1.53 -41.26
CA GLU D 119 -1.99 2.24 -42.35
C GLU D 119 -3.02 3.17 -41.73
N VAL D 120 -3.14 4.37 -42.29
CA VAL D 120 -3.99 5.40 -41.73
C VAL D 120 -4.98 5.90 -42.78
N ALA D 121 -6.27 5.83 -42.44
CA ALA D 121 -7.34 6.33 -43.31
C ALA D 121 -8.17 7.38 -42.58
N VAL D 122 -8.72 8.33 -43.34
CA VAL D 122 -9.68 9.31 -42.84
C VAL D 122 -11.04 9.09 -43.49
N PHE D 123 -12.09 9.03 -42.67
CA PHE D 123 -13.45 8.87 -43.16
C PHE D 123 -14.23 10.15 -42.98
N GLU D 124 -14.74 10.65 -44.10
CA GLU D 124 -15.42 11.94 -44.11
C GLU D 124 -16.82 11.84 -43.50
N PRO D 125 -17.38 12.97 -43.02
CA PRO D 125 -18.65 12.99 -42.32
C PRO D 125 -19.82 12.46 -43.14
N SER D 126 -20.76 11.81 -42.45
CA SER D 126 -22.06 11.44 -42.99
C SER D 126 -22.88 12.69 -43.29
N GLU D 127 -23.48 12.69 -44.47
CA GLU D 127 -24.28 13.82 -44.94
C GLU D 127 -25.51 13.99 -44.04
N ALA D 128 -25.98 12.86 -43.51
CA ALA D 128 -27.11 12.78 -42.59
C ALA D 128 -26.79 13.38 -41.22
N GLU D 129 -25.61 13.09 -40.69
CA GLU D 129 -25.20 13.66 -39.41
C GLU D 129 -25.38 15.17 -39.49
N ILE D 130 -24.92 15.73 -40.61
CA ILE D 130 -24.98 17.17 -40.87
C ILE D 130 -26.43 17.69 -40.84
N SER D 131 -27.34 16.99 -41.51
CA SER D 131 -28.76 17.36 -41.51
C SER D 131 -29.40 17.27 -40.13
N HIS D 132 -29.07 16.22 -39.39
CA HIS D 132 -29.70 15.95 -38.11
C HIS D 132 -29.17 16.84 -37.00
N THR D 133 -27.84 16.95 -36.90
CA THR D 133 -27.20 17.61 -35.76
C THR D 133 -26.58 18.95 -36.10
N GLN D 134 -26.39 19.23 -37.39
CA GLN D 134 -25.64 20.42 -37.85
C GLN D 134 -24.18 20.40 -37.37
N LYS D 135 -23.65 19.19 -37.21
CA LYS D 135 -22.27 18.96 -36.83
C LYS D 135 -21.72 17.85 -37.73
N ALA D 136 -20.39 17.70 -37.76
CA ALA D 136 -19.74 16.79 -38.68
C ALA D 136 -18.60 16.08 -37.98
N THR D 137 -18.62 14.76 -38.05
CA THR D 137 -17.59 13.96 -37.40
C THR D 137 -16.71 13.30 -38.42
N LEU D 138 -15.42 13.63 -38.38
CA LEU D 138 -14.42 12.87 -39.11
C LEU D 138 -13.88 11.75 -38.24
N VAL D 139 -13.74 10.56 -38.82
CA VAL D 139 -13.15 9.44 -38.12
C VAL D 139 -11.86 9.04 -38.78
N CYS D 140 -10.87 8.73 -37.96
CA CYS D 140 -9.57 8.32 -38.43
C CYS D 140 -9.30 6.91 -37.92
N LEU D 141 -8.82 6.05 -38.79
CA LEU D 141 -8.46 4.68 -38.40
C LEU D 141 -7.00 4.41 -38.69
N ALA D 142 -6.32 3.85 -37.70
CA ALA D 142 -4.98 3.36 -37.86
C ALA D 142 -5.04 1.86 -37.60
N THR D 143 -4.56 1.08 -38.57
CA THR D 143 -4.70 -0.37 -38.52
C THR D 143 -3.39 -1.09 -38.83
N GLY D 144 -3.28 -2.33 -38.36
CA GLY D 144 -2.18 -3.21 -38.71
C GLY D 144 -0.81 -2.86 -38.14
N PHE D 145 -0.76 -2.11 -37.03
CA PHE D 145 0.53 -1.74 -36.46
C PHE D 145 0.98 -2.58 -35.28
N TYR D 146 2.27 -2.77 -35.10
CA TYR D 146 2.76 -3.39 -33.90
C TYR D 146 4.16 -2.90 -33.70
N PRO D 147 4.53 -2.25 -32.51
CA PRO D 147 3.67 -2.48 -31.36
C PRO D 147 2.80 -1.33 -31.00
N ASP D 148 2.34 -1.21 -29.75
CA ASP D 148 1.31 -0.19 -29.56
C ASP D 148 1.92 1.16 -29.20
N HIS D 149 1.20 1.92 -28.38
CA HIS D 149 1.64 3.18 -27.80
C HIS D 149 2.05 4.22 -28.82
N VAL D 150 1.34 4.26 -29.95
CA VAL D 150 1.54 5.33 -30.93
C VAL D 150 0.97 6.64 -30.42
N GLU D 151 1.25 7.73 -31.12
CA GLU D 151 0.64 9.03 -30.84
C GLU D 151 -0.11 9.49 -32.06
N LEU D 152 -1.42 9.65 -31.89
CA LEU D 152 -2.31 10.12 -32.94
C LEU D 152 -2.76 11.52 -32.61
N SER D 153 -2.58 12.44 -33.55
CA SER D 153 -3.01 13.82 -33.38
C SER D 153 -3.78 14.30 -34.60
N TRP D 154 -4.61 15.32 -34.41
CA TRP D 154 -5.41 15.88 -35.48
C TRP D 154 -4.88 17.25 -35.78
N TRP D 155 -4.88 17.59 -37.07
CA TRP D 155 -4.35 18.85 -37.54
C TRP D 155 -5.38 19.46 -38.46
N VAL D 156 -5.62 20.75 -38.28
CA VAL D 156 -6.61 21.48 -39.05
C VAL D 156 -5.98 22.80 -39.42
N ASN D 157 -5.84 23.03 -40.74
CA ASN D 157 -5.18 24.23 -41.26
C ASN D 157 -3.81 24.49 -40.65
N GLY D 158 -2.98 23.48 -40.64
CA GLY D 158 -1.61 23.65 -40.20
C GLY D 158 -1.37 23.59 -38.71
N LYS D 159 -2.38 23.86 -37.91
CA LYS D 159 -2.20 23.84 -36.46
C LYS D 159 -2.79 22.57 -35.86
N GLU D 160 -2.14 22.03 -34.85
CA GLU D 160 -2.71 20.89 -34.10
C GLU D 160 -3.92 21.35 -33.28
N VAL D 161 -4.97 20.55 -33.31
CA VAL D 161 -6.17 20.89 -32.54
C VAL D 161 -6.34 19.96 -31.36
N HIS D 162 -6.96 20.49 -30.31
CA HIS D 162 -7.24 19.67 -29.15
C HIS D 162 -8.74 19.66 -28.83
N SER D 163 -9.42 20.73 -29.23
CA SER D 163 -10.86 20.78 -29.15
C SER D 163 -11.48 19.80 -30.16
N GLY D 164 -12.53 19.12 -29.71
CA GLY D 164 -13.39 18.31 -30.58
C GLY D 164 -12.85 16.92 -30.90
N VAL D 165 -11.82 16.49 -30.18
CA VAL D 165 -11.13 15.26 -30.48
C VAL D 165 -11.36 14.19 -29.42
N CYS D 166 -11.31 12.94 -29.84
CA CYS D 166 -11.41 11.82 -28.93
C CYS D 166 -10.73 10.58 -29.49
N THR D 167 -9.68 10.12 -28.83
CA THR D 167 -8.92 8.97 -29.30
C THR D 167 -9.05 7.82 -28.32
N ASP D 168 -9.27 6.61 -28.82
CA ASP D 168 -9.35 5.44 -27.93
C ASP D 168 -8.18 5.44 -26.96
N PRO D 169 -8.46 5.27 -25.65
CA PRO D 169 -7.35 5.26 -24.69
C PRO D 169 -6.56 3.94 -24.77
N GLN D 170 -7.11 2.97 -25.48
CA GLN D 170 -6.43 1.71 -25.70
C GLN D 170 -6.67 1.22 -27.12
N PRO D 171 -5.66 0.56 -27.72
CA PRO D 171 -5.81 -0.06 -29.04
C PRO D 171 -6.68 -1.32 -28.99
N LEU D 172 -7.24 -1.70 -30.13
CA LEU D 172 -7.90 -3.00 -30.30
C LEU D 172 -6.93 -4.01 -30.87
N LYS D 173 -7.04 -5.26 -30.43
CA LYS D 173 -6.29 -6.37 -31.02
C LYS D 173 -7.00 -6.83 -32.29
N GLU D 174 -6.30 -6.79 -33.42
CA GLU D 174 -6.88 -7.18 -34.71
C GLU D 174 -7.15 -8.68 -34.82
N GLN D 175 -6.28 -9.48 -34.20
CA GLN D 175 -6.37 -10.96 -34.16
C GLN D 175 -6.74 -11.61 -35.49
N SER D 181 -0.42 -10.56 -32.26
CA SER D 181 -1.53 -9.82 -32.86
C SER D 181 -1.23 -8.32 -33.04
N ARG D 182 -1.45 -7.82 -34.26
CA ARG D 182 -1.27 -6.40 -34.58
C ARG D 182 -2.46 -5.58 -34.07
N TYR D 183 -2.32 -4.25 -34.02
CA TYR D 183 -3.32 -3.38 -33.40
C TYR D 183 -4.09 -2.50 -34.37
N ALA D 184 -5.21 -1.97 -33.89
CA ALA D 184 -5.92 -0.90 -34.58
C ALA D 184 -6.33 0.20 -33.58
N LEU D 185 -6.57 1.41 -34.07
CA LEU D 185 -6.89 2.52 -33.21
C LEU D 185 -7.76 3.51 -33.95
N SER D 186 -8.79 4.00 -33.26
CA SER D 186 -9.69 4.98 -33.85
C SER D 186 -9.64 6.30 -33.09
N SER D 187 -10.03 7.35 -33.79
CA SER D 187 -10.16 8.66 -33.19
C SER D 187 -11.17 9.45 -34.01
N ARG D 188 -11.80 10.42 -33.35
CA ARG D 188 -12.83 11.24 -33.97
C ARG D 188 -12.50 12.69 -33.80
N LEU D 189 -12.85 13.49 -34.80
CA LEU D 189 -12.84 14.95 -34.70
C LEU D 189 -14.22 15.44 -35.13
N ARG D 190 -14.78 16.35 -34.34
CA ARG D 190 -16.09 16.87 -34.66
C ARG D 190 -16.03 18.37 -34.75
N VAL D 191 -16.62 18.89 -35.81
CA VAL D 191 -16.58 20.31 -36.15
C VAL D 191 -17.99 20.70 -36.55
N SER D 192 -18.27 21.99 -36.58
CA SER D 192 -19.58 22.42 -36.96
C SER D 192 -19.72 22.14 -38.45
N ALA D 193 -20.96 21.94 -38.90
CA ALA D 193 -21.25 21.66 -40.31
C ALA D 193 -20.72 22.74 -41.23
N THR D 194 -20.88 24.01 -40.86
CA THR D 194 -20.41 25.11 -41.71
C THR D 194 -18.89 25.04 -41.87
N PHE D 195 -18.17 24.74 -40.80
CA PHE D 195 -16.72 24.62 -40.85
C PHE D 195 -16.32 23.53 -41.86
N TRP D 196 -16.99 22.38 -41.80
CA TRP D 196 -16.72 21.29 -42.71
C TRP D 196 -17.12 21.63 -44.16
N GLN D 197 -18.10 22.50 -44.31
CA GLN D 197 -18.64 22.80 -45.63
C GLN D 197 -17.84 23.88 -46.34
N ASN D 198 -16.82 24.38 -45.64
CA ASN D 198 -15.94 25.38 -46.16
C ASN D 198 -14.79 24.73 -46.94
N PRO D 199 -14.72 25.00 -48.26
CA PRO D 199 -13.73 24.40 -49.15
C PRO D 199 -12.29 24.75 -48.80
N ARG D 200 -12.08 25.86 -48.06
CA ARG D 200 -10.74 26.25 -47.60
C ARG D 200 -10.15 25.34 -46.55
N ASN D 201 -10.98 24.58 -45.82
CA ASN D 201 -10.50 23.91 -44.63
C ASN D 201 -9.81 22.58 -44.89
N HIS D 202 -8.70 22.37 -44.21
CA HIS D 202 -7.90 21.19 -44.39
C HIS D 202 -7.77 20.40 -43.09
N PHE D 203 -7.99 19.09 -43.18
CA PHE D 203 -8.02 18.20 -42.02
C PHE D 203 -7.00 17.10 -42.20
N ARG D 204 -6.25 16.79 -41.15
CA ARG D 204 -5.25 15.74 -41.22
C ARG D 204 -5.20 14.90 -39.93
N CYS D 205 -5.29 13.60 -40.10
CA CYS D 205 -5.06 12.68 -39.03
C CYS D 205 -3.61 12.19 -39.13
N GLN D 206 -2.81 12.48 -38.12
CA GLN D 206 -1.38 12.13 -38.10
C GLN D 206 -1.12 11.08 -37.01
N VAL D 207 -0.43 10.00 -37.36
CA VAL D 207 -0.11 8.92 -36.43
C VAL D 207 1.40 8.78 -36.35
N GLN D 208 1.96 9.02 -35.16
CA GLN D 208 3.38 8.79 -34.91
C GLN D 208 3.60 7.34 -34.51
N PHE D 209 4.27 6.58 -35.37
CA PHE D 209 4.55 5.18 -35.08
C PHE D 209 5.99 5.03 -34.62
N TYR D 210 6.21 4.15 -33.65
CA TYR D 210 7.55 3.92 -33.13
C TYR D 210 8.00 2.54 -33.55
N GLY D 211 9.04 2.50 -34.37
CA GLY D 211 9.52 1.27 -34.94
C GLY D 211 10.99 1.07 -34.70
N LEU D 212 11.69 0.64 -35.75
CA LEU D 212 13.08 0.29 -35.66
C LEU D 212 13.93 1.52 -35.95
N SER D 213 15.23 1.42 -35.69
CA SER D 213 16.18 2.50 -35.99
C SER D 213 17.34 2.00 -36.88
N GLU D 214 18.34 2.87 -37.11
CA GLU D 214 19.50 2.53 -37.95
C GLU D 214 20.20 1.25 -37.50
N ASN D 215 20.62 1.25 -36.23
CA ASN D 215 21.33 0.13 -35.56
C ASN D 215 20.58 -1.21 -35.50
N ASP D 216 19.30 -1.20 -35.88
CA ASP D 216 18.51 -2.42 -35.98
C ASP D 216 18.77 -3.11 -37.33
N GLU D 217 18.80 -4.44 -37.32
CA GLU D 217 19.02 -5.23 -38.53
C GLU D 217 17.73 -5.79 -39.13
N TRP D 218 17.56 -5.56 -40.43
CA TRP D 218 16.38 -6.01 -41.17
C TRP D 218 16.79 -6.82 -42.41
N THR D 219 16.46 -8.12 -42.38
CA THR D 219 16.85 -9.03 -43.46
C THR D 219 15.63 -9.29 -44.36
N GLN D 220 14.45 -9.09 -43.81
CA GLN D 220 13.18 -9.39 -44.47
C GLN D 220 12.92 -8.55 -45.73
N ASP D 221 11.92 -8.98 -46.49
CA ASP D 221 11.65 -8.43 -47.82
C ASP D 221 11.10 -7.01 -47.83
N ARG D 222 9.98 -6.78 -47.12
CA ARG D 222 9.31 -5.48 -47.05
C ARG D 222 10.19 -4.36 -46.47
N ALA D 223 9.72 -3.12 -46.60
CA ALA D 223 10.43 -1.96 -46.05
C ALA D 223 10.69 -2.15 -44.56
N LYS D 224 11.88 -1.73 -44.09
CA LYS D 224 12.21 -1.79 -42.66
C LYS D 224 11.18 -0.98 -41.92
N PRO D 225 10.47 -1.59 -40.96
CA PRO D 225 9.44 -0.90 -40.18
C PRO D 225 10.04 0.11 -39.21
N VAL D 226 10.56 1.19 -39.78
CA VAL D 226 11.23 2.22 -39.02
C VAL D 226 10.17 3.09 -38.37
N THR D 227 10.59 3.77 -37.31
CA THR D 227 9.87 4.89 -36.74
C THR D 227 9.54 5.86 -37.85
N GLN D 228 8.26 6.15 -38.01
CA GLN D 228 7.77 7.04 -39.05
C GLN D 228 6.44 7.67 -38.65
N ILE D 229 6.12 8.79 -39.28
CA ILE D 229 4.78 9.36 -39.20
C ILE D 229 3.99 8.89 -40.42
N VAL D 230 2.87 8.22 -40.19
CA VAL D 230 1.94 7.87 -41.29
C VAL D 230 0.71 8.75 -41.14
N SER D 231 0.23 9.28 -42.26
CA SER D 231 -0.76 10.35 -42.24
C SER D 231 -1.93 10.05 -43.18
N ALA D 232 -3.04 10.76 -43.00
CA ALA D 232 -4.19 10.73 -43.93
C ALA D 232 -4.95 12.05 -43.79
N GLU D 233 -5.52 12.53 -44.88
CA GLU D 233 -6.06 13.89 -44.94
C GLU D 233 -7.46 13.90 -45.52
N ALA D 234 -8.16 15.00 -45.31
CA ALA D 234 -9.46 15.26 -45.94
C ALA D 234 -9.62 16.75 -46.17
N TRP D 235 -10.40 17.09 -47.18
CA TRP D 235 -10.77 18.48 -47.46
C TRP D 235 -12.23 18.65 -47.16
N GLY D 236 -12.63 19.82 -46.72
CA GLY D 236 -14.05 20.09 -46.60
C GLY D 236 -14.65 20.37 -47.97
N ARG D 237 -15.97 20.16 -48.13
CA ARG D 237 -16.75 20.86 -49.19
C ARG D 237 -18.26 20.68 -49.07
N ALA D 238 -19.01 21.77 -49.32
CA ALA D 238 -20.46 21.87 -49.01
C ALA D 238 -21.32 20.75 -49.55
#